data_3NEM
#
_entry.id   3NEM
#
_cell.length_a   123.220
_cell.length_b   124.870
_cell.length_c   86.930
_cell.angle_alpha   90.00
_cell.angle_beta   90.00
_cell.angle_gamma   90.00
#
_symmetry.space_group_name_H-M   'P 21 21 2'
#
loop_
_entity.id
_entity.type
_entity.pdbx_description
1 polymer 'Aspartyl-tRNA synthetase'
2 non-polymer "ASPARTYL-ADENOSINE-5'-MONOPHOSPHATE"
3 non-polymer "ADENOSINE-5'-TRIPHOSPHATE"
4 non-polymer 'MAGNESIUM ION'
5 water water
#
_entity_poly.entity_id   1
_entity_poly.type   'polypeptide(L)'
_entity_poly.pdbx_seq_one_letter_code
;MYRTHYSSEITEELNGQKVKVAGWVWEVKDLGGIKFLWIRDRDGIVQITAPKKKVDPELFKLIPKLRSEDVVAVEGVVNF
TPKAKLGFEILPEKIVVLNRAETPLPLDPTGKVKAELDTRLDNRFMDLRRPEVMAIFKIRSSVFKAVRDFFHENGFIEIH
TPKIIATATEGGTELFPMKYFEEDAFLAQSPQLYKQIMMASGLDRVYEIAPIFRAEEHNTTRHLNEAWSIDSEMAFIEDE
EEVMSFLERLVAHAINYVREHNAKELDILNFELEEPKLPFPRVSYDKALEILGDLGKEIPWGEDIDTEGERLLGKYMMEN
ENAPLYFLYQYPSEAKPFYIMKYDNKPEICRAFDLEYRGVEISSGGQREHRHDILVEQIKEKGLNPESFEFYLKAFRYGM
PPHGGFGLGAERLIKQMLDLPNIREVILFPRDRRRLTP
;
_entity_poly.pdbx_strand_id   A,B
#
# COMPACT_ATOMS: atom_id res chain seq x y z
N MET A 1 10.34 -22.68 13.92
CA MET A 1 8.91 -22.41 14.02
C MET A 1 8.20 -23.56 14.73
N TYR A 2 7.07 -23.27 15.38
CA TYR A 2 6.27 -24.32 16.00
C TYR A 2 5.37 -25.08 15.02
N ARG A 3 5.24 -24.58 13.80
CA ARG A 3 4.50 -25.36 12.82
C ARG A 3 5.25 -25.48 11.51
N THR A 4 5.00 -26.57 10.81
CA THR A 4 5.54 -26.76 9.47
C THR A 4 4.45 -26.66 8.41
N HIS A 5 3.23 -27.04 8.77
CA HIS A 5 2.12 -27.08 7.82
C HIS A 5 0.85 -26.52 8.42
N TYR A 6 0.15 -25.67 7.66
CA TYR A 6 -1.21 -25.33 7.99
C TYR A 6 -2.12 -26.51 7.67
N SER A 7 -3.32 -26.51 8.23
CA SER A 7 -4.29 -27.57 7.97
C SER A 7 -4.50 -27.84 6.48
N SER A 8 -4.47 -26.77 5.68
CA SER A 8 -4.78 -26.84 4.26
C SER A 8 -3.63 -27.36 3.42
N GLU A 9 -2.48 -27.54 4.06
CA GLU A 9 -1.24 -27.84 3.35
C GLU A 9 -0.86 -29.30 3.45
N ILE A 10 -1.71 -30.09 4.08
CA ILE A 10 -1.41 -31.50 4.26
C ILE A 10 -2.15 -32.34 3.24
N THR A 11 -1.41 -32.96 2.33
CA THR A 11 -2.03 -33.76 1.29
C THR A 11 -1.57 -35.22 1.33
N GLU A 12 -2.15 -36.02 0.45
CA GLU A 12 -1.79 -37.43 0.28
C GLU A 12 -0.29 -37.65 0.29
N GLU A 13 0.42 -36.81 -0.47
CA GLU A 13 1.88 -36.91 -0.58
C GLU A 13 2.55 -37.14 0.76
N LEU A 14 2.00 -36.55 1.81
CA LEU A 14 2.66 -36.53 3.10
C LEU A 14 2.28 -37.69 4.00
N ASN A 15 1.50 -38.64 3.48
CA ASN A 15 1.07 -39.75 4.31
C ASN A 15 2.26 -40.46 4.96
N GLY A 16 2.16 -40.68 6.28
CA GLY A 16 3.22 -41.35 7.00
C GLY A 16 4.41 -40.47 7.37
N GLN A 17 4.39 -39.21 6.96
CA GLN A 17 5.53 -38.33 7.26
C GLN A 17 5.28 -37.49 8.50
N LYS A 18 6.36 -36.99 9.11
CA LYS A 18 6.23 -36.20 10.32
C LYS A 18 6.01 -34.72 9.97
N VAL A 19 5.02 -34.10 10.61
CA VAL A 19 4.77 -32.68 10.43
C VAL A 19 4.55 -32.00 11.76
N LYS A 20 4.52 -30.67 11.76
CA LYS A 20 4.13 -29.94 12.96
C LYS A 20 2.95 -29.04 12.64
N VAL A 21 1.90 -29.15 13.43
CA VAL A 21 0.74 -28.29 13.24
C VAL A 21 0.56 -27.49 14.51
N ALA A 22 -0.16 -26.38 14.41
CA ALA A 22 -0.33 -25.53 15.58
C ALA A 22 -1.55 -24.66 15.42
N GLY A 23 -2.16 -24.30 16.54
CA GLY A 23 -3.33 -23.45 16.48
C GLY A 23 -4.04 -23.39 17.83
N TRP A 24 -5.33 -23.14 17.75
CA TRP A 24 -6.17 -22.96 18.93
C TRP A 24 -7.02 -24.21 19.20
N VAL A 25 -7.16 -24.58 20.45
CA VAL A 25 -7.92 -25.79 20.77
C VAL A 25 -9.39 -25.60 20.45
N TRP A 26 -9.91 -26.51 19.62
CA TRP A 26 -11.29 -26.40 19.13
C TRP A 26 -12.21 -27.36 19.85
N GLU A 27 -11.77 -28.61 20.01
CA GLU A 27 -12.56 -29.58 20.75
C GLU A 27 -11.66 -30.64 21.33
N VAL A 28 -12.03 -31.16 22.50
CA VAL A 28 -11.36 -32.31 23.09
C VAL A 28 -12.41 -33.38 23.43
N LYS A 29 -12.10 -34.62 23.09
CA LYS A 29 -12.90 -35.75 23.55
C LYS A 29 -12.01 -36.54 24.48
N ASP A 30 -12.42 -36.60 25.74
CA ASP A 30 -11.64 -37.24 26.79
C ASP A 30 -12.31 -38.58 27.07
N LEU A 31 -11.80 -39.65 26.44
CA LEU A 31 -12.37 -40.97 26.62
C LEU A 31 -11.37 -41.88 27.32
N GLY A 32 -11.87 -42.97 27.91
CA GLY A 32 -11.02 -43.87 28.66
C GLY A 32 -9.83 -44.46 27.89
N GLY A 33 -10.04 -44.80 26.63
CA GLY A 33 -9.00 -45.50 25.89
C GLY A 33 -8.40 -44.70 24.76
N ILE A 34 -8.81 -43.45 24.64
CA ILE A 34 -8.41 -42.62 23.51
C ILE A 34 -8.78 -41.17 23.79
N LYS A 35 -7.94 -40.25 23.33
CA LYS A 35 -8.27 -38.83 23.35
C LYS A 35 -8.33 -38.38 21.90
N PHE A 36 -9.26 -37.48 21.60
CA PHE A 36 -9.25 -36.78 20.32
C PHE A 36 -9.10 -35.30 20.62
N LEU A 37 -8.24 -34.64 19.86
CA LEU A 37 -8.02 -33.21 20.01
C LEU A 37 -8.17 -32.60 18.63
N TRP A 38 -8.96 -31.54 18.53
CA TRP A 38 -9.05 -30.82 17.26
C TRP A 38 -8.49 -29.44 17.50
N ILE A 39 -7.62 -28.98 16.59
CA ILE A 39 -7.07 -27.64 16.70
C ILE A 39 -7.48 -26.83 15.47
N ARG A 40 -7.62 -25.52 15.65
CA ARG A 40 -8.05 -24.65 14.55
C ARG A 40 -6.90 -23.74 14.18
N ASP A 41 -6.61 -23.64 12.89
CA ASP A 41 -5.66 -22.64 12.41
C ASP A 41 -6.36 -21.76 11.38
N ARG A 42 -5.62 -20.88 10.71
CA ARG A 42 -6.20 -19.88 9.82
C ARG A 42 -7.04 -20.51 8.71
N ASP A 43 -6.76 -21.76 8.38
CA ASP A 43 -7.39 -22.41 7.23
C ASP A 43 -8.44 -23.45 7.58
N GLY A 44 -8.57 -23.81 8.85
CA GLY A 44 -9.52 -24.85 9.20
C GLY A 44 -9.13 -25.67 10.40
N ILE A 45 -9.71 -26.87 10.52
CA ILE A 45 -9.50 -27.75 11.68
C ILE A 45 -8.60 -28.92 11.31
N VAL A 46 -7.82 -29.38 12.28
CA VAL A 46 -7.00 -30.58 12.12
C VAL A 46 -7.31 -31.54 13.27
N GLN A 47 -7.51 -32.80 12.96
CA GLN A 47 -7.77 -33.82 13.98
C GLN A 47 -6.47 -34.47 14.46
N ILE A 48 -6.32 -34.52 15.78
CA ILE A 48 -5.23 -35.23 16.43
C ILE A 48 -5.85 -36.42 17.17
N THR A 49 -5.35 -37.63 16.86
CA THR A 49 -5.93 -38.87 17.36
C THR A 49 -4.90 -39.58 18.24
N ALA A 50 -5.26 -39.81 19.49
CA ALA A 50 -4.33 -40.32 20.49
C ALA A 50 -4.86 -41.53 21.24
N PRO A 51 -4.77 -42.72 20.62
CA PRO A 51 -5.14 -43.95 21.34
C PRO A 51 -4.14 -44.23 22.46
N LYS A 52 -4.66 -44.67 23.60
CA LYS A 52 -3.84 -44.92 24.77
C LYS A 52 -2.71 -45.89 24.46
N LYS A 53 -3.00 -46.89 23.62
CA LYS A 53 -2.03 -47.92 23.27
C LYS A 53 -0.88 -47.37 22.42
N LYS A 54 -1.09 -46.21 21.80
CA LYS A 54 -0.15 -45.70 20.81
C LYS A 54 0.68 -44.52 21.26
N VAL A 55 0.19 -43.74 22.22
CA VAL A 55 0.86 -42.50 22.55
C VAL A 55 1.57 -42.48 23.90
N ASP A 56 2.57 -41.60 23.97
CA ASP A 56 3.22 -41.27 25.23
C ASP A 56 2.14 -41.09 26.29
N PRO A 57 2.27 -41.80 27.42
CA PRO A 57 1.32 -41.65 28.52
C PRO A 57 1.22 -40.19 29.04
N GLU A 58 2.32 -39.45 28.98
CA GLU A 58 2.28 -38.05 29.40
C GLU A 58 1.42 -37.22 28.46
N LEU A 59 1.38 -37.61 27.19
CA LEU A 59 0.61 -36.88 26.20
C LEU A 59 -0.87 -37.22 26.37
N PHE A 60 -1.13 -38.51 26.64
CA PHE A 60 -2.48 -38.99 26.93
C PHE A 60 -3.08 -38.19 28.07
N LYS A 61 -2.29 -37.96 29.10
CA LYS A 61 -2.78 -37.25 30.29
C LYS A 61 -2.95 -35.75 30.05
N LEU A 62 -2.17 -35.21 29.13
CA LEU A 62 -2.20 -33.77 28.90
C LEU A 62 -3.45 -33.31 28.18
N ILE A 63 -3.86 -34.07 27.17
CA ILE A 63 -4.97 -33.64 26.32
C ILE A 63 -6.24 -33.25 27.10
N PRO A 64 -6.62 -34.04 28.11
CA PRO A 64 -7.83 -33.65 28.84
C PRO A 64 -7.69 -32.35 29.64
N LYS A 65 -6.47 -31.88 29.88
CA LYS A 65 -6.25 -30.63 30.59
C LYS A 65 -6.41 -29.38 29.69
N LEU A 66 -6.41 -29.60 28.38
CA LEU A 66 -6.51 -28.49 27.43
C LEU A 66 -7.91 -27.89 27.46
N ARG A 67 -8.01 -26.59 27.14
CA ARG A 67 -9.30 -25.91 27.16
C ARG A 67 -9.49 -25.10 25.88
N SER A 68 -10.74 -24.76 25.59
CA SER A 68 -11.06 -24.06 24.34
C SER A 68 -10.17 -22.83 24.20
N GLU A 69 -9.58 -22.66 23.02
CA GLU A 69 -8.78 -21.48 22.65
C GLU A 69 -7.37 -21.42 23.25
N ASP A 70 -6.98 -22.45 24.01
CA ASP A 70 -5.58 -22.61 24.36
C ASP A 70 -4.81 -22.71 23.05
N VAL A 71 -3.60 -22.15 23.03
CA VAL A 71 -2.74 -22.26 21.86
C VAL A 71 -1.75 -23.39 22.08
N VAL A 72 -1.72 -24.32 21.13
CA VAL A 72 -0.89 -25.52 21.26
C VAL A 72 -0.17 -25.80 19.95
N ALA A 73 0.89 -26.60 20.05
CA ALA A 73 1.63 -27.04 18.87
C ALA A 73 1.81 -28.54 18.99
N VAL A 74 1.65 -29.23 17.87
CA VAL A 74 1.71 -30.69 17.87
C VAL A 74 2.66 -31.19 16.79
N GLU A 75 3.64 -32.00 17.18
CA GLU A 75 4.41 -32.77 16.21
C GLU A 75 3.86 -34.18 16.14
N GLY A 76 3.70 -34.71 14.93
CA GLY A 76 3.16 -36.05 14.81
C GLY A 76 3.17 -36.56 13.39
N VAL A 77 2.62 -37.75 13.21
CA VAL A 77 2.64 -38.42 11.92
C VAL A 77 1.31 -38.26 11.20
N VAL A 78 1.37 -37.87 9.93
CA VAL A 78 0.17 -37.78 9.11
C VAL A 78 -0.35 -39.17 8.83
N ASN A 79 -1.66 -39.36 8.98
CA ASN A 79 -2.28 -40.64 8.70
C ASN A 79 -3.60 -40.45 7.98
N PHE A 80 -3.60 -40.72 6.69
CA PHE A 80 -4.85 -40.64 5.93
C PHE A 80 -5.73 -41.84 6.23
N THR A 81 -7.02 -41.57 6.47
CA THR A 81 -7.99 -42.61 6.78
C THR A 81 -9.39 -42.11 6.51
N PRO A 82 -10.24 -42.97 5.96
CA PRO A 82 -11.65 -42.63 5.71
C PRO A 82 -12.36 -42.32 7.02
N LYS A 83 -11.79 -42.76 8.13
CA LYS A 83 -12.41 -42.61 9.44
C LYS A 83 -12.28 -41.19 9.99
N ALA A 84 -11.37 -40.41 9.40
CA ALA A 84 -11.23 -39.00 9.75
C ALA A 84 -12.06 -38.18 8.77
N LYS A 85 -12.99 -37.38 9.29
CA LYS A 85 -13.93 -36.67 8.43
C LYS A 85 -13.24 -35.72 7.45
N LEU A 86 -12.07 -35.22 7.81
CA LEU A 86 -11.32 -34.34 6.92
C LEU A 86 -10.31 -35.07 6.07
N GLY A 87 -10.28 -36.40 6.19
CA GLY A 87 -9.44 -37.20 5.33
C GLY A 87 -8.16 -37.72 5.97
N PHE A 88 -7.72 -37.05 7.02
CA PHE A 88 -6.49 -37.46 7.67
C PHE A 88 -6.52 -37.02 9.11
N GLU A 89 -5.62 -37.61 9.90
CA GLU A 89 -5.49 -37.26 11.30
C GLU A 89 -4.00 -37.19 11.59
N ILE A 90 -3.64 -36.51 12.67
CA ILE A 90 -2.25 -36.47 13.11
C ILE A 90 -2.09 -37.41 14.30
N LEU A 91 -1.12 -38.32 14.22
CA LEU A 91 -0.79 -39.18 15.34
C LEU A 91 0.34 -38.51 16.09
N PRO A 92 0.04 -37.94 17.27
CA PRO A 92 0.96 -37.00 17.94
C PRO A 92 2.10 -37.68 18.70
N GLU A 93 3.29 -37.09 18.59
CA GLU A 93 4.47 -37.53 19.33
C GLU A 93 4.74 -36.56 20.46
N LYS A 94 4.47 -35.28 20.22
CA LYS A 94 4.74 -34.25 21.20
C LYS A 94 3.67 -33.17 21.07
N ILE A 95 3.21 -32.68 22.22
CA ILE A 95 2.28 -31.55 22.25
C ILE A 95 2.84 -30.54 23.21
N VAL A 96 2.95 -29.29 22.75
CA VAL A 96 3.41 -28.21 23.62
C VAL A 96 2.29 -27.21 23.80
N VAL A 97 2.03 -26.82 25.04
CA VAL A 97 1.06 -25.76 25.30
C VAL A 97 1.79 -24.42 25.24
N LEU A 98 1.44 -23.59 24.29
CA LEU A 98 2.15 -22.31 24.11
C LEU A 98 1.56 -21.19 24.96
N ASN A 99 0.26 -21.24 25.19
CA ASN A 99 -0.40 -20.18 25.93
C ASN A 99 -1.82 -20.61 26.27
N ARG A 100 -2.30 -20.24 27.44
CA ARG A 100 -3.63 -20.67 27.89
C ARG A 100 -4.67 -19.57 27.80
N ALA A 101 -5.89 -19.91 27.41
CA ALA A 101 -6.94 -18.90 27.29
C ALA A 101 -7.82 -18.79 28.53
N GLU A 102 -8.22 -17.54 28.85
CA GLU A 102 -9.15 -17.27 29.94
C GLU A 102 -10.60 -17.54 29.53
N THR A 103 -11.49 -17.66 30.53
CA THR A 103 -12.94 -17.68 30.30
C THR A 103 -13.60 -16.60 31.14
N PRO A 104 -14.72 -16.05 30.67
CA PRO A 104 -15.32 -16.36 29.37
C PRO A 104 -14.61 -15.61 28.25
N LEU A 105 -14.78 -16.09 27.03
CA LEU A 105 -14.26 -15.42 25.84
C LEU A 105 -15.11 -14.19 25.52
N PRO A 106 -14.48 -13.15 24.93
CA PRO A 106 -15.23 -11.94 24.57
C PRO A 106 -16.32 -12.21 23.53
N LEU A 107 -16.11 -13.20 22.68
CA LEU A 107 -17.06 -13.59 21.64
C LEU A 107 -17.05 -15.09 21.55
N ASP A 108 -18.08 -15.68 20.95
CA ASP A 108 -18.17 -17.12 20.79
C ASP A 108 -17.66 -17.56 19.42
N PRO A 109 -16.45 -18.15 19.39
CA PRO A 109 -15.84 -18.55 18.12
C PRO A 109 -16.55 -19.75 17.46
N THR A 110 -17.47 -20.40 18.17
CA THR A 110 -18.22 -21.49 17.56
C THR A 110 -19.37 -20.98 16.69
N GLY A 111 -19.75 -19.72 16.87
CA GLY A 111 -20.80 -19.11 16.07
C GLY A 111 -22.19 -19.32 16.63
N LYS A 112 -22.30 -20.18 17.65
CA LYS A 112 -23.60 -20.50 18.25
C LYS A 112 -24.26 -19.27 18.86
N VAL A 113 -23.52 -18.53 19.68
CA VAL A 113 -24.06 -17.34 20.31
C VAL A 113 -23.71 -16.12 19.46
N LYS A 114 -24.73 -15.48 18.88
CA LYS A 114 -24.55 -14.33 18.02
C LYS A 114 -24.13 -13.10 18.80
N ALA A 115 -23.24 -12.28 18.23
CA ALA A 115 -22.91 -11.00 18.85
C ALA A 115 -23.22 -9.83 17.92
N GLU A 116 -23.48 -8.66 18.51
CA GLU A 116 -23.76 -7.45 17.73
C GLU A 116 -22.49 -6.93 17.09
N LEU A 117 -22.62 -6.19 16.00
CA LEU A 117 -21.44 -5.67 15.29
C LEU A 117 -20.50 -4.90 16.22
N ASP A 118 -21.04 -4.01 17.04
CA ASP A 118 -20.16 -3.23 17.92
C ASP A 118 -19.30 -4.11 18.82
N THR A 119 -19.90 -5.17 19.37
CA THR A 119 -19.14 -6.10 20.19
C THR A 119 -18.05 -6.79 19.39
N ARG A 120 -18.37 -7.17 18.16
CA ARG A 120 -17.42 -7.86 17.30
C ARG A 120 -16.27 -6.94 16.94
N LEU A 121 -16.59 -5.68 16.63
CA LEU A 121 -15.56 -4.70 16.32
C LEU A 121 -14.65 -4.41 17.52
N ASP A 122 -15.22 -4.43 18.71
CA ASP A 122 -14.43 -4.21 19.92
C ASP A 122 -13.46 -5.37 20.18
N ASN A 123 -13.70 -6.51 19.54
CA ASN A 123 -12.88 -7.70 19.79
C ASN A 123 -12.47 -8.42 18.50
N ARG A 124 -11.81 -7.71 17.60
CA ARG A 124 -11.54 -8.27 16.27
C ARG A 124 -10.68 -9.51 16.29
N PHE A 125 -9.76 -9.61 17.26
CA PHE A 125 -8.90 -10.79 17.33
C PHE A 125 -9.73 -12.06 17.55
N MET A 126 -10.85 -11.93 18.26
CA MET A 126 -11.79 -13.03 18.42
C MET A 126 -12.63 -13.23 17.17
N ASP A 127 -13.09 -12.12 16.59
CA ASP A 127 -14.03 -12.15 15.48
C ASP A 127 -13.43 -12.90 14.28
N LEU A 128 -12.13 -12.72 14.05
CA LEU A 128 -11.48 -13.36 12.91
C LEU A 128 -11.26 -14.87 13.08
N ARG A 129 -11.50 -15.37 14.28
CA ARG A 129 -11.35 -16.80 14.52
C ARG A 129 -12.52 -17.57 13.90
N ARG A 130 -13.55 -16.84 13.48
CA ARG A 130 -14.67 -17.41 12.76
C ARG A 130 -14.39 -17.40 11.25
N PRO A 131 -14.56 -18.55 10.60
CA PRO A 131 -14.21 -18.70 9.18
C PRO A 131 -14.86 -17.67 8.26
N GLU A 132 -16.10 -17.28 8.54
CA GLU A 132 -16.77 -16.36 7.65
C GLU A 132 -16.21 -14.95 7.76
N VAL A 133 -15.58 -14.63 8.90
CA VAL A 133 -14.91 -13.33 9.07
C VAL A 133 -13.50 -13.39 8.50
N MET A 134 -12.76 -14.43 8.85
CA MET A 134 -11.43 -14.64 8.26
C MET A 134 -11.54 -14.57 6.73
N ALA A 135 -12.60 -15.17 6.18
CA ALA A 135 -12.81 -15.22 4.73
C ALA A 135 -12.79 -13.82 4.10
N ILE A 136 -13.48 -12.89 4.75
CA ILE A 136 -13.52 -11.51 4.25
C ILE A 136 -12.13 -10.90 4.19
N PHE A 137 -11.34 -11.10 5.24
CA PHE A 137 -10.04 -10.43 5.28
C PHE A 137 -8.98 -11.10 4.43
N LYS A 138 -9.15 -12.39 4.17
CA LYS A 138 -8.36 -13.06 3.14
C LYS A 138 -8.72 -12.49 1.77
N ILE A 139 -10.01 -12.33 1.51
CA ILE A 139 -10.45 -11.73 0.26
C ILE A 139 -9.97 -10.30 0.13
N ARG A 140 -9.99 -9.53 1.22
CA ARG A 140 -9.47 -8.16 1.16
C ARG A 140 -8.03 -8.12 0.67
N SER A 141 -7.18 -8.94 1.27
CA SER A 141 -5.79 -9.03 0.84
C SER A 141 -5.67 -9.45 -0.63
N SER A 142 -6.47 -10.41 -1.06
CA SER A 142 -6.43 -10.82 -2.47
C SER A 142 -6.80 -9.68 -3.43
N VAL A 143 -7.81 -8.90 -3.04
CA VAL A 143 -8.24 -7.78 -3.88
C VAL A 143 -7.14 -6.74 -4.04
N PHE A 144 -6.47 -6.41 -2.93
CA PHE A 144 -5.35 -5.48 -3.02
C PHE A 144 -4.27 -6.02 -3.95
N LYS A 145 -3.94 -7.30 -3.82
CA LYS A 145 -2.87 -7.85 -4.63
C LYS A 145 -3.25 -7.83 -6.10
N ALA A 146 -4.48 -8.26 -6.40
CA ALA A 146 -4.95 -8.30 -7.79
C ALA A 146 -4.89 -6.91 -8.46
N VAL A 147 -5.32 -5.91 -7.71
CA VAL A 147 -5.36 -4.55 -8.22
C VAL A 147 -3.93 -4.09 -8.57
N ARG A 148 -3.01 -4.30 -7.64
CA ARG A 148 -1.62 -3.94 -7.88
C ARG A 148 -0.97 -4.67 -9.06
N ASP A 149 -1.26 -5.96 -9.17
CA ASP A 149 -0.72 -6.75 -10.27
C ASP A 149 -1.23 -6.23 -11.60
N PHE A 150 -2.49 -5.84 -11.65
CA PHE A 150 -3.05 -5.34 -12.90
C PHE A 150 -2.41 -4.00 -13.29
N PHE A 151 -2.23 -3.13 -12.31
CA PHE A 151 -1.56 -1.86 -12.56
C PHE A 151 -0.16 -2.14 -13.10
N HIS A 152 0.57 -3.05 -12.48
CA HIS A 152 1.92 -3.33 -12.94
C HIS A 152 1.97 -3.89 -14.37
N GLU A 153 1.07 -4.82 -14.67
CA GLU A 153 1.01 -5.45 -15.99
C GLU A 153 0.69 -4.41 -17.06
N ASN A 154 0.06 -3.33 -16.65
CA ASN A 154 -0.37 -2.29 -17.59
C ASN A 154 0.52 -1.04 -17.56
N GLY A 155 1.70 -1.18 -16.97
CA GLY A 155 2.74 -0.17 -17.05
C GLY A 155 2.56 1.00 -16.10
N PHE A 156 1.82 0.79 -15.03
CA PHE A 156 1.65 1.85 -14.04
C PHE A 156 2.72 1.78 -12.97
N ILE A 157 3.18 2.94 -12.53
CA ILE A 157 4.17 3.04 -11.49
C ILE A 157 3.49 3.46 -10.21
N GLU A 158 3.84 2.81 -9.10
CA GLU A 158 3.24 3.15 -7.81
C GLU A 158 3.83 4.44 -7.28
N ILE A 159 2.96 5.34 -6.81
CA ILE A 159 3.41 6.54 -6.14
C ILE A 159 2.83 6.67 -4.73
N HIS A 160 3.38 7.61 -3.98
CA HIS A 160 3.00 7.84 -2.59
C HIS A 160 2.99 9.33 -2.33
N THR A 161 1.85 9.85 -1.89
CA THR A 161 1.66 11.30 -1.78
C THR A 161 1.10 11.68 -0.41
N PRO A 162 1.31 12.94 0.00
CA PRO A 162 1.09 13.34 1.39
C PRO A 162 -0.35 13.25 1.87
N LYS A 163 -0.52 12.82 3.11
CA LYS A 163 -1.84 12.80 3.74
C LYS A 163 -2.01 13.97 4.70
N ILE A 164 -0.94 14.72 4.95
CA ILE A 164 -1.03 16.00 5.67
C ILE A 164 -0.80 17.12 4.66
N ILE A 165 -1.80 17.98 4.50
CA ILE A 165 -1.81 18.98 3.43
C ILE A 165 -2.37 20.32 3.89
N ALA A 166 -2.02 21.38 3.17
CA ALA A 166 -2.40 22.73 3.56
C ALA A 166 -3.72 23.15 2.91
N THR A 167 -4.11 22.45 1.85
CA THR A 167 -5.33 22.78 1.12
C THR A 167 -6.20 21.55 0.94
N ALA A 168 -7.45 21.62 1.38
CA ALA A 168 -8.38 20.50 1.21
C ALA A 168 -8.35 19.99 -0.23
N THR A 169 -8.28 18.68 -0.40
CA THR A 169 -8.16 18.11 -1.74
C THR A 169 -9.49 17.90 -2.45
N GLU A 170 -10.59 17.81 -1.68
CA GLU A 170 -11.91 17.61 -2.27
C GLU A 170 -12.95 18.64 -1.84
N GLY A 171 -12.55 19.64 -1.07
CA GLY A 171 -13.48 20.69 -0.73
C GLY A 171 -13.87 20.76 0.73
N GLY A 172 -14.65 21.79 1.06
CA GLY A 172 -14.80 22.24 2.43
C GLY A 172 -15.50 21.33 3.41
N THR A 173 -16.46 20.56 2.93
CA THR A 173 -17.23 19.70 3.83
C THR A 173 -16.51 18.36 4.06
N GLU A 174 -16.80 17.74 5.20
CA GLU A 174 -16.26 16.41 5.52
C GLU A 174 -14.74 16.39 5.53
N LEU A 175 -14.15 17.29 6.30
CA LEU A 175 -12.71 17.53 6.29
C LEU A 175 -12.16 17.46 7.72
N PHE A 176 -10.99 16.86 7.91
CA PHE A 176 -10.34 16.87 9.22
C PHE A 176 -9.25 17.92 9.28
N PRO A 177 -9.53 19.06 9.94
CA PRO A 177 -8.44 20.02 10.12
C PRO A 177 -7.44 19.48 11.15
N MET A 178 -6.18 19.84 10.98
CA MET A 178 -5.16 19.45 11.95
C MET A 178 -4.02 20.44 11.95
N LYS A 179 -3.54 20.79 13.13
CA LYS A 179 -2.43 21.68 13.24
C LYS A 179 -1.16 20.95 12.77
N TYR A 180 -0.32 21.61 11.99
CA TYR A 180 0.97 21.07 11.64
C TYR A 180 2.02 22.02 12.20
N PHE A 181 2.48 21.72 13.41
CA PHE A 181 3.29 22.67 14.16
C PHE A 181 2.53 23.99 14.25
N GLU A 182 3.11 25.09 13.76
CA GLU A 182 2.42 26.37 13.83
C GLU A 182 1.32 26.50 12.78
N GLU A 183 1.43 25.74 11.70
CA GLU A 183 0.56 25.91 10.53
C GLU A 183 -0.79 25.21 10.68
N ASP A 184 -1.82 25.76 10.03
CA ASP A 184 -3.09 25.06 9.90
C ASP A 184 -2.98 24.08 8.75
N ALA A 185 -3.43 22.85 8.98
CA ALA A 185 -3.39 21.86 7.91
C ALA A 185 -4.65 21.01 7.96
N PHE A 186 -4.67 19.98 7.12
CA PHE A 186 -5.80 19.08 7.04
C PHE A 186 -5.29 17.69 6.71
N LEU A 187 -6.09 16.68 7.01
CA LEU A 187 -5.82 15.34 6.49
C LEU A 187 -6.36 15.29 5.08
N ALA A 188 -5.70 14.53 4.21
CA ALA A 188 -6.11 14.38 2.82
C ALA A 188 -7.42 13.61 2.66
N GLN A 189 -8.36 14.20 1.93
CA GLN A 189 -9.60 13.51 1.56
C GLN A 189 -9.33 12.60 0.38
N SER A 190 -8.22 12.86 -0.30
CA SER A 190 -7.86 12.13 -1.51
C SER A 190 -6.50 12.60 -1.96
N PRO A 191 -5.85 11.83 -2.86
CA PRO A 191 -4.59 12.32 -3.43
C PRO A 191 -4.82 13.04 -4.76
N GLN A 192 -6.01 13.58 -4.98
CA GLN A 192 -6.38 14.14 -6.28
C GLN A 192 -5.39 15.17 -6.84
N LEU A 193 -5.02 16.14 -6.02
CA LEU A 193 -4.17 17.21 -6.51
C LEU A 193 -2.77 16.69 -6.80
N TYR A 194 -2.29 15.76 -5.98
CA TYR A 194 -0.95 15.22 -6.21
C TYR A 194 -0.88 14.32 -7.43
N LYS A 195 -1.88 13.49 -7.66
CA LYS A 195 -1.78 12.57 -8.79
C LYS A 195 -1.84 13.34 -10.10
N GLN A 196 -2.56 14.47 -10.11
CA GLN A 196 -2.55 15.36 -11.26
C GLN A 196 -1.21 16.06 -11.44
N ILE A 197 -0.65 16.59 -10.36
CA ILE A 197 0.65 17.26 -10.46
C ILE A 197 1.65 16.31 -11.14
N MET A 198 1.60 15.02 -10.78
CA MET A 198 2.56 14.05 -11.33
C MET A 198 2.32 13.74 -12.81
N MET A 199 1.16 14.12 -13.35
CA MET A 199 0.95 14.00 -14.78
C MET A 199 1.83 14.98 -15.58
N ALA A 200 2.34 16.01 -14.92
CA ALA A 200 3.30 16.91 -15.56
C ALA A 200 4.75 16.43 -15.43
N SER A 201 4.97 15.26 -14.84
CA SER A 201 6.33 14.80 -14.57
C SER A 201 6.89 13.83 -15.60
N GLY A 202 6.02 13.26 -16.43
CA GLY A 202 6.42 12.22 -17.36
C GLY A 202 6.08 10.83 -16.85
N LEU A 203 5.79 10.69 -15.56
CA LEU A 203 5.41 9.38 -15.03
C LEU A 203 4.24 8.78 -15.82
N ASP A 204 3.30 9.62 -16.24
CA ASP A 204 2.20 9.25 -17.15
C ASP A 204 1.11 8.32 -16.60
N ARG A 205 1.53 7.26 -15.93
CA ARG A 205 0.62 6.21 -15.49
C ARG A 205 0.96 5.86 -14.06
N VAL A 206 0.18 6.38 -13.14
CA VAL A 206 0.50 6.23 -11.73
C VAL A 206 -0.68 5.64 -10.98
N TYR A 207 -0.37 4.95 -9.90
CA TYR A 207 -1.42 4.55 -8.97
C TYR A 207 -0.94 4.72 -7.55
N GLU A 208 -1.90 4.85 -6.64
CA GLU A 208 -1.58 4.97 -5.23
C GLU A 208 -2.68 4.26 -4.48
N ILE A 209 -2.29 3.43 -3.52
CA ILE A 209 -3.26 2.76 -2.67
C ILE A 209 -2.93 3.16 -1.24
N ALA A 210 -3.82 3.94 -0.65
CA ALA A 210 -3.49 4.63 0.58
C ALA A 210 -4.74 5.11 1.28
N PRO A 211 -4.61 5.38 2.59
CA PRO A 211 -5.70 5.93 3.40
C PRO A 211 -6.18 7.27 2.89
N ILE A 212 -7.47 7.51 3.04
CA ILE A 212 -8.05 8.84 2.86
C ILE A 212 -8.87 9.10 4.11
N PHE A 213 -9.11 10.38 4.38
CA PHE A 213 -9.77 10.74 5.63
C PHE A 213 -10.89 11.74 5.35
N ARG A 214 -12.09 11.39 5.76
CA ARG A 214 -13.26 12.25 5.54
C ARG A 214 -14.10 12.30 6.80
N ALA A 215 -14.35 13.51 7.26
CA ALA A 215 -15.09 13.72 8.50
C ALA A 215 -16.58 13.74 8.17
N GLU A 216 -17.12 12.57 7.84
CA GLU A 216 -18.53 12.45 7.45
C GLU A 216 -19.42 12.81 8.63
N GLU A 217 -20.43 13.65 8.39
CA GLU A 217 -21.29 14.10 9.48
C GLU A 217 -22.29 13.02 9.88
N HIS A 218 -22.69 12.19 8.92
CA HIS A 218 -23.70 11.18 9.17
C HIS A 218 -23.10 9.78 9.27
N ASN A 219 -23.81 8.89 9.93
CA ASN A 219 -23.40 7.51 10.10
C ASN A 219 -24.23 6.61 9.19
N THR A 220 -23.58 5.90 8.27
CA THR A 220 -24.31 5.05 7.32
C THR A 220 -23.65 3.68 7.15
N THR A 221 -24.35 2.77 6.49
CA THR A 221 -23.78 1.45 6.24
C THR A 221 -22.75 1.44 5.12
N ARG A 222 -22.51 2.59 4.49
CA ARG A 222 -21.60 2.63 3.35
C ARG A 222 -20.55 3.73 3.41
N HIS A 223 -20.45 4.44 4.53
CA HIS A 223 -19.38 5.43 4.68
C HIS A 223 -18.51 5.12 5.89
N LEU A 224 -17.23 5.48 5.78
CA LEU A 224 -16.33 5.48 6.92
C LEU A 224 -15.62 6.83 6.94
N ASN A 225 -14.99 7.17 8.06
CA ASN A 225 -14.23 8.40 8.15
C ASN A 225 -12.77 8.17 7.81
N GLU A 226 -12.38 6.90 7.75
CA GLU A 226 -11.06 6.51 7.29
C GLU A 226 -11.27 5.37 6.32
N ALA A 227 -10.64 5.45 5.15
CA ALA A 227 -10.83 4.42 4.14
C ALA A 227 -9.59 4.26 3.30
N TRP A 228 -9.55 3.20 2.51
CA TRP A 228 -8.43 2.98 1.61
C TRP A 228 -8.88 3.25 0.18
N SER A 229 -8.24 4.23 -0.45
CA SER A 229 -8.58 4.59 -1.81
C SER A 229 -7.54 4.05 -2.79
N ILE A 230 -8.02 3.43 -3.87
CA ILE A 230 -7.20 2.95 -4.97
C ILE A 230 -7.31 4.03 -6.03
N ASP A 231 -6.26 4.83 -6.16
CA ASP A 231 -6.28 5.98 -7.07
C ASP A 231 -5.37 5.74 -8.25
N SER A 232 -5.79 6.24 -9.41
CA SER A 232 -4.95 6.16 -10.58
C SER A 232 -5.15 7.42 -11.39
N GLU A 233 -4.13 7.81 -12.13
CA GLU A 233 -4.20 8.92 -13.06
C GLU A 233 -3.35 8.50 -14.25
N MET A 234 -3.80 8.84 -15.45
CA MET A 234 -3.12 8.43 -16.68
C MET A 234 -3.18 9.53 -17.71
N ALA A 235 -2.04 9.78 -18.35
CA ALA A 235 -1.90 10.89 -19.27
C ALA A 235 -1.98 10.45 -20.73
N PHE A 236 -2.11 11.44 -21.60
CA PHE A 236 -2.16 11.22 -23.06
C PHE A 236 -3.42 10.52 -23.53
N ILE A 237 -4.47 10.62 -22.71
CA ILE A 237 -5.79 10.12 -23.11
C ILE A 237 -6.47 11.08 -24.08
N GLU A 238 -7.41 10.57 -24.87
CA GLU A 238 -8.21 11.39 -25.76
C GLU A 238 -9.61 11.69 -25.21
N ASP A 239 -10.08 10.85 -24.30
CA ASP A 239 -11.38 11.09 -23.68
C ASP A 239 -11.57 10.22 -22.43
N GLU A 240 -12.66 10.44 -21.70
CA GLU A 240 -12.82 9.76 -20.42
C GLU A 240 -13.17 8.28 -20.60
N GLU A 241 -13.62 7.91 -21.78
CA GLU A 241 -13.92 6.50 -22.05
C GLU A 241 -12.68 5.62 -21.90
N GLU A 242 -11.51 6.17 -22.27
CA GLU A 242 -10.27 5.41 -22.11
C GLU A 242 -10.00 5.08 -20.64
N VAL A 243 -10.36 6.00 -19.76
CA VAL A 243 -10.21 5.78 -18.32
C VAL A 243 -11.24 4.77 -17.83
N MET A 244 -12.48 4.91 -18.28
CA MET A 244 -13.52 3.95 -17.89
C MET A 244 -13.18 2.55 -18.37
N SER A 245 -12.63 2.43 -19.58
CA SER A 245 -12.21 1.13 -20.09
C SER A 245 -11.15 0.49 -19.18
N PHE A 246 -10.18 1.30 -18.75
CA PHE A 246 -9.15 0.77 -17.88
C PHE A 246 -9.72 0.35 -16.53
N LEU A 247 -10.58 1.18 -15.96
CA LEU A 247 -11.19 0.86 -14.67
C LEU A 247 -12.03 -0.43 -14.69
N GLU A 248 -12.85 -0.61 -15.71
CA GLU A 248 -13.67 -1.82 -15.73
C GLU A 248 -12.77 -3.04 -15.87
N ARG A 249 -11.69 -2.92 -16.64
CA ARG A 249 -10.74 -4.02 -16.75
C ARG A 249 -10.10 -4.33 -15.40
N LEU A 250 -9.75 -3.28 -14.65
CA LEU A 250 -9.11 -3.44 -13.35
C LEU A 250 -10.04 -4.17 -12.38
N VAL A 251 -11.27 -3.70 -12.34
CA VAL A 251 -12.27 -4.28 -11.44
C VAL A 251 -12.59 -5.72 -11.83
N ALA A 252 -12.75 -5.97 -13.13
CA ALA A 252 -12.98 -7.33 -13.60
C ALA A 252 -11.83 -8.25 -13.16
N HIS A 253 -10.61 -7.74 -13.26
CA HIS A 253 -9.45 -8.53 -12.89
C HIS A 253 -9.49 -8.88 -11.41
N ALA A 254 -9.90 -7.91 -10.59
CA ALA A 254 -9.97 -8.15 -9.15
C ALA A 254 -11.03 -9.20 -8.85
N ILE A 255 -12.18 -9.07 -9.51
CA ILE A 255 -13.26 -10.00 -9.26
C ILE A 255 -12.84 -11.42 -9.66
N ASN A 256 -12.24 -11.56 -10.84
CA ASN A 256 -11.85 -12.87 -11.34
C ASN A 256 -10.77 -13.49 -10.48
N TYR A 257 -9.90 -12.67 -9.93
CA TYR A 257 -8.87 -13.19 -9.05
C TYR A 257 -9.50 -13.82 -7.81
N VAL A 258 -10.44 -13.10 -7.19
CA VAL A 258 -11.15 -13.65 -6.04
C VAL A 258 -11.89 -14.93 -6.41
N ARG A 259 -12.58 -14.93 -7.54
CA ARG A 259 -13.24 -16.15 -8.02
C ARG A 259 -12.28 -17.32 -8.16
N GLU A 260 -11.09 -17.07 -8.68
CA GLU A 260 -10.15 -18.14 -8.99
C GLU A 260 -9.35 -18.58 -7.76
N HIS A 261 -8.95 -17.62 -6.95
CA HIS A 261 -7.99 -17.87 -5.89
C HIS A 261 -8.65 -18.00 -4.51
N ASN A 262 -9.91 -17.57 -4.41
CA ASN A 262 -10.60 -17.59 -3.11
C ASN A 262 -11.93 -18.33 -3.11
N ALA A 263 -12.03 -19.35 -3.95
CA ALA A 263 -13.26 -20.14 -4.05
C ALA A 263 -13.67 -20.70 -2.69
N LYS A 264 -12.67 -21.13 -1.92
CA LYS A 264 -12.96 -21.69 -0.59
C LYS A 264 -13.60 -20.65 0.32
N GLU A 265 -13.10 -19.42 0.27
CA GLU A 265 -13.69 -18.34 1.06
C GLU A 265 -15.09 -18.00 0.58
N LEU A 266 -15.31 -18.01 -0.73
CA LEU A 266 -16.63 -17.72 -1.29
C LEU A 266 -17.61 -18.81 -0.84
N ASP A 267 -17.12 -20.04 -0.82
CA ASP A 267 -17.90 -21.17 -0.34
C ASP A 267 -18.32 -20.98 1.13
N ILE A 268 -17.35 -20.64 1.96
CA ILE A 268 -17.60 -20.40 3.38
C ILE A 268 -18.65 -19.31 3.55
N LEU A 269 -18.61 -18.32 2.66
CA LEU A 269 -19.56 -17.22 2.72
C LEU A 269 -20.87 -17.56 2.04
N ASN A 270 -20.98 -18.79 1.53
CA ASN A 270 -22.16 -19.24 0.81
C ASN A 270 -22.55 -18.24 -0.27
N PHE A 271 -21.55 -17.81 -1.06
CA PHE A 271 -21.75 -16.71 -1.98
C PHE A 271 -21.26 -17.07 -3.38
N GLU A 272 -22.09 -16.80 -4.39
CA GLU A 272 -21.68 -16.99 -5.78
C GLU A 272 -21.24 -15.65 -6.35
N LEU A 273 -19.96 -15.52 -6.63
CA LEU A 273 -19.44 -14.30 -7.22
C LEU A 273 -19.43 -14.44 -8.74
N GLU A 274 -20.16 -13.56 -9.42
CA GLU A 274 -20.38 -13.66 -10.87
C GLU A 274 -19.15 -13.36 -11.71
N GLU A 275 -19.03 -14.04 -12.84
CA GLU A 275 -17.98 -13.69 -13.80
C GLU A 275 -18.30 -12.34 -14.45
N PRO A 276 -17.37 -11.37 -14.35
CA PRO A 276 -17.59 -10.05 -14.97
C PRO A 276 -17.88 -10.16 -16.46
N LYS A 277 -18.69 -9.24 -16.97
CA LYS A 277 -18.97 -9.21 -18.41
C LYS A 277 -18.62 -7.84 -18.96
N LEU A 278 -17.50 -7.74 -19.67
CA LEU A 278 -17.06 -6.48 -20.26
C LEU A 278 -17.57 -6.33 -21.68
N PRO A 279 -17.88 -5.09 -22.09
CA PRO A 279 -17.81 -3.86 -21.31
C PRO A 279 -19.02 -3.75 -20.41
N PHE A 280 -18.89 -3.08 -19.27
CA PHE A 280 -20.06 -2.78 -18.45
C PHE A 280 -20.94 -1.81 -19.23
N PRO A 281 -22.25 -1.78 -18.92
CA PRO A 281 -23.10 -0.75 -19.54
C PRO A 281 -22.67 0.68 -19.16
N ARG A 282 -22.80 1.60 -20.12
CA ARG A 282 -22.55 3.00 -19.87
C ARG A 282 -23.91 3.68 -19.93
N VAL A 283 -24.32 4.33 -18.84
CA VAL A 283 -25.61 5.03 -18.80
C VAL A 283 -25.40 6.52 -18.54
N SER A 284 -25.83 7.36 -19.48
CA SER A 284 -25.65 8.79 -19.28
C SER A 284 -26.52 9.26 -18.14
N TYR A 285 -26.13 10.35 -17.50
CA TYR A 285 -26.92 10.90 -16.42
C TYR A 285 -28.34 11.24 -16.93
N ASP A 286 -28.43 11.79 -18.13
CA ASP A 286 -29.74 12.07 -18.74
C ASP A 286 -30.60 10.81 -18.84
N LYS A 287 -30.01 9.74 -19.35
CA LYS A 287 -30.74 8.49 -19.51
C LYS A 287 -31.12 7.90 -18.16
N ALA A 288 -30.23 8.01 -17.17
CA ALA A 288 -30.54 7.54 -15.82
C ALA A 288 -31.76 8.25 -15.28
N LEU A 289 -31.84 9.56 -15.54
CA LEU A 289 -33.01 10.33 -15.10
C LEU A 289 -34.28 9.93 -15.83
N GLU A 290 -34.16 9.54 -17.10
CA GLU A 290 -35.30 9.02 -17.84
C GLU A 290 -35.79 7.72 -17.21
N ILE A 291 -34.85 6.80 -16.96
CA ILE A 291 -35.17 5.52 -16.35
C ILE A 291 -35.89 5.71 -15.01
N LEU A 292 -35.34 6.60 -14.18
CA LEU A 292 -35.93 6.84 -12.87
C LEU A 292 -37.32 7.47 -12.99
N GLY A 293 -37.46 8.47 -13.85
CA GLY A 293 -38.74 9.12 -14.08
C GLY A 293 -39.79 8.13 -14.56
N ASP A 294 -39.38 7.21 -15.43
CA ASP A 294 -40.27 6.14 -15.88
C ASP A 294 -40.74 5.29 -14.69
N LEU A 295 -39.93 5.27 -13.63
CA LEU A 295 -40.24 4.50 -12.43
C LEU A 295 -40.95 5.35 -11.37
N GLY A 296 -41.25 6.59 -11.72
CA GLY A 296 -41.90 7.50 -10.80
C GLY A 296 -40.94 8.20 -9.84
N LYS A 297 -39.64 8.03 -10.05
CA LYS A 297 -38.65 8.70 -9.20
C LYS A 297 -38.15 9.92 -9.95
N GLU A 298 -38.55 11.09 -9.46
CA GLU A 298 -38.32 12.34 -10.18
C GLU A 298 -37.16 13.12 -9.57
N ILE A 299 -36.11 13.29 -10.37
CA ILE A 299 -34.96 14.09 -9.97
C ILE A 299 -34.81 15.25 -10.94
N PRO A 300 -34.90 16.48 -10.42
CA PRO A 300 -34.72 17.65 -11.30
C PRO A 300 -33.31 17.65 -11.87
N TRP A 301 -33.20 17.91 -13.16
CA TRP A 301 -31.91 17.87 -13.83
C TRP A 301 -30.90 18.78 -13.16
N GLY A 302 -29.72 18.23 -12.87
CA GLY A 302 -28.68 18.98 -12.22
C GLY A 302 -28.46 18.48 -10.82
N GLU A 303 -29.49 17.94 -10.19
CA GLU A 303 -29.39 17.43 -8.83
C GLU A 303 -28.71 16.07 -8.80
N ASP A 304 -28.13 15.73 -7.65
CA ASP A 304 -27.47 14.44 -7.51
C ASP A 304 -28.48 13.32 -7.55
N ILE A 305 -28.03 12.14 -7.97
CA ILE A 305 -28.86 10.96 -7.86
C ILE A 305 -28.68 10.44 -6.46
N ASP A 306 -29.77 10.41 -5.69
CA ASP A 306 -29.70 10.03 -4.28
C ASP A 306 -29.62 8.52 -4.10
N THR A 307 -29.50 8.08 -2.86
CA THR A 307 -29.32 6.65 -2.60
C THR A 307 -30.49 5.84 -3.12
N GLU A 308 -31.71 6.36 -2.97
CA GLU A 308 -32.90 5.67 -3.48
C GLU A 308 -32.78 5.51 -4.99
N GLY A 309 -32.37 6.59 -5.66
CA GLY A 309 -32.17 6.58 -7.09
C GLY A 309 -31.12 5.57 -7.49
N GLU A 310 -30.01 5.53 -6.75
CA GLU A 310 -28.99 4.53 -6.99
C GLU A 310 -29.55 3.11 -6.88
N ARG A 311 -30.33 2.86 -5.83
CA ARG A 311 -30.86 1.52 -5.59
C ARG A 311 -31.76 1.11 -6.76
N LEU A 312 -32.68 2.00 -7.13
CA LEU A 312 -33.57 1.77 -8.25
C LEU A 312 -32.81 1.51 -9.55
N LEU A 313 -31.80 2.33 -9.83
CA LEU A 313 -31.01 2.14 -11.04
C LEU A 313 -30.26 0.81 -11.01
N GLY A 314 -29.71 0.46 -9.86
CA GLY A 314 -28.98 -0.79 -9.73
C GLY A 314 -29.86 -1.99 -10.04
N LYS A 315 -31.04 -1.98 -9.47
CA LYS A 315 -32.03 -3.03 -9.69
C LYS A 315 -32.43 -3.10 -11.17
N TYR A 316 -32.71 -1.94 -11.76
CA TYR A 316 -33.05 -1.87 -13.19
C TYR A 316 -31.96 -2.48 -14.06
N MET A 317 -30.72 -2.10 -13.78
CA MET A 317 -29.60 -2.58 -14.60
C MET A 317 -29.40 -4.08 -14.40
N MET A 318 -29.67 -4.54 -13.20
CA MET A 318 -29.57 -5.96 -12.87
C MET A 318 -30.66 -6.70 -13.64
N GLU A 319 -31.86 -6.14 -13.67
CA GLU A 319 -33.02 -6.69 -14.42
C GLU A 319 -32.95 -6.58 -15.94
N ASN A 320 -32.63 -5.38 -16.42
CA ASN A 320 -32.68 -5.09 -17.85
C ASN A 320 -31.46 -5.57 -18.60
N GLU A 321 -30.28 -5.36 -18.01
CA GLU A 321 -29.03 -5.65 -18.70
C GLU A 321 -28.14 -6.65 -17.96
N ASN A 322 -28.73 -7.39 -17.01
CA ASN A 322 -27.99 -8.40 -16.26
C ASN A 322 -26.60 -7.91 -15.81
N ALA A 323 -26.54 -6.66 -15.36
CA ALA A 323 -25.29 -6.00 -15.05
C ALA A 323 -25.20 -5.53 -13.59
N PRO A 324 -24.46 -6.26 -12.75
CA PRO A 324 -24.23 -5.82 -11.36
C PRO A 324 -23.33 -4.59 -11.31
N LEU A 325 -22.58 -4.36 -12.39
CA LEU A 325 -21.67 -3.23 -12.48
C LEU A 325 -21.99 -2.39 -13.71
N TYR A 326 -22.12 -1.08 -13.54
CA TYR A 326 -22.36 -0.22 -14.70
C TYR A 326 -21.87 1.18 -14.38
N PHE A 327 -21.65 1.97 -15.43
CA PHE A 327 -21.21 3.35 -15.27
C PHE A 327 -22.34 4.34 -15.44
N LEU A 328 -22.31 5.38 -14.61
CA LEU A 328 -23.05 6.60 -14.88
C LEU A 328 -22.04 7.60 -15.41
N TYR A 329 -22.38 8.35 -16.45
CA TYR A 329 -21.43 9.32 -17.00
C TYR A 329 -22.14 10.53 -17.63
N GLN A 330 -21.34 11.46 -18.18
CA GLN A 330 -21.87 12.72 -18.69
C GLN A 330 -22.78 13.42 -17.66
N TYR A 331 -22.24 13.62 -16.47
CA TYR A 331 -22.93 14.29 -15.38
C TYR A 331 -23.02 15.78 -15.65
N PRO A 332 -23.94 16.47 -14.96
CA PRO A 332 -23.96 17.93 -14.98
C PRO A 332 -22.64 18.46 -14.42
N SER A 333 -22.03 19.40 -15.14
CA SER A 333 -20.79 20.00 -14.69
C SER A 333 -20.95 20.60 -13.32
N GLU A 334 -22.10 21.21 -13.06
CA GLU A 334 -22.34 21.86 -11.77
C GLU A 334 -22.29 20.86 -10.61
N ALA A 335 -22.52 19.58 -10.90
CA ALA A 335 -22.55 18.56 -9.86
C ALA A 335 -21.19 17.90 -9.59
N LYS A 336 -20.16 18.33 -10.31
CA LYS A 336 -18.85 17.69 -10.23
C LYS A 336 -17.75 18.71 -9.95
N PRO A 337 -16.58 18.26 -9.46
CA PRO A 337 -15.51 19.15 -9.01
C PRO A 337 -14.87 20.01 -10.10
N PHE A 338 -14.20 21.09 -9.69
CA PHE A 338 -13.59 22.00 -10.66
C PHE A 338 -12.56 21.33 -11.57
N TYR A 339 -12.09 20.15 -11.16
CA TYR A 339 -10.96 19.54 -11.86
C TYR A 339 -11.38 18.66 -13.03
N ILE A 340 -12.69 18.51 -13.21
CA ILE A 340 -13.22 17.73 -14.32
C ILE A 340 -13.36 18.62 -15.56
N MET A 341 -13.00 18.07 -16.71
CA MET A 341 -13.17 18.77 -17.98
C MET A 341 -14.64 18.77 -18.42
N LYS A 342 -15.14 19.95 -18.76
CA LYS A 342 -16.47 20.05 -19.35
C LYS A 342 -16.43 19.59 -20.80
N TYR A 343 -17.58 19.21 -21.33
CA TYR A 343 -17.69 19.01 -22.77
C TYR A 343 -17.65 20.38 -23.43
N ASP A 344 -16.58 20.65 -24.20
CA ASP A 344 -16.40 21.97 -24.80
C ASP A 344 -17.63 22.37 -25.61
N ASN A 345 -18.21 21.42 -26.34
CA ASN A 345 -19.37 21.73 -27.17
C ASN A 345 -20.72 21.59 -26.47
N LYS A 346 -20.70 21.23 -25.20
CA LYS A 346 -21.92 21.16 -24.41
C LYS A 346 -21.61 21.29 -22.92
N PRO A 347 -21.20 22.49 -22.49
CA PRO A 347 -20.54 22.75 -21.20
C PRO A 347 -21.37 22.42 -19.97
N GLU A 348 -22.70 22.27 -20.08
CA GLU A 348 -23.51 21.90 -18.91
C GLU A 348 -23.23 20.48 -18.44
N ILE A 349 -22.65 19.66 -19.31
CA ILE A 349 -22.23 18.33 -18.89
C ILE A 349 -20.72 18.18 -18.98
N CYS A 350 -20.19 17.18 -18.28
CA CYS A 350 -18.76 17.09 -18.09
C CYS A 350 -18.29 15.64 -18.18
N ARG A 351 -16.98 15.48 -18.33
CA ARG A 351 -16.36 14.19 -18.60
C ARG A 351 -16.08 13.40 -17.32
N ALA A 352 -17.11 13.29 -16.48
CA ALA A 352 -17.01 12.58 -15.21
C ALA A 352 -17.87 11.33 -15.24
N PHE A 353 -17.51 10.33 -14.45
CA PHE A 353 -18.27 9.11 -14.38
C PHE A 353 -18.23 8.52 -12.97
N ASP A 354 -19.21 7.67 -12.68
CA ASP A 354 -19.22 6.88 -11.45
C ASP A 354 -19.42 5.44 -11.87
N LEU A 355 -18.76 4.52 -11.14
CA LEU A 355 -18.99 3.09 -11.34
C LEU A 355 -19.83 2.58 -10.18
N GLU A 356 -20.94 1.92 -10.53
CA GLU A 356 -21.91 1.43 -9.56
C GLU A 356 -21.81 -0.09 -9.47
N TYR A 357 -21.77 -0.63 -8.26
CA TYR A 357 -21.67 -2.07 -8.07
C TYR A 357 -22.80 -2.47 -7.14
N ARG A 358 -23.75 -3.26 -7.65
CA ARG A 358 -24.94 -3.61 -6.90
C ARG A 358 -25.61 -2.36 -6.32
N GLY A 359 -25.72 -1.33 -7.14
CA GLY A 359 -26.46 -0.13 -6.80
C GLY A 359 -25.80 0.83 -5.83
N VAL A 360 -24.49 0.68 -5.63
CA VAL A 360 -23.76 1.56 -4.74
C VAL A 360 -22.47 2.03 -5.44
N GLU A 361 -22.20 3.32 -5.37
CA GLU A 361 -20.99 3.87 -5.99
C GLU A 361 -19.72 3.26 -5.41
N ILE A 362 -18.86 2.71 -6.26
CA ILE A 362 -17.57 2.22 -5.77
C ILE A 362 -16.37 3.03 -6.28
N SER A 363 -16.60 3.84 -7.32
CA SER A 363 -15.54 4.68 -7.86
C SER A 363 -16.13 5.89 -8.57
N SER A 364 -15.37 6.97 -8.59
CA SER A 364 -15.69 8.10 -9.46
C SER A 364 -14.39 8.56 -10.10
N GLY A 365 -14.50 9.22 -11.25
CA GLY A 365 -13.32 9.71 -11.93
C GLY A 365 -13.74 10.55 -13.12
N GLY A 366 -12.82 10.78 -14.05
CA GLY A 366 -13.13 11.58 -15.22
C GLY A 366 -11.87 12.05 -15.92
N GLN A 367 -12.04 12.65 -17.08
CA GLN A 367 -10.94 13.39 -17.71
C GLN A 367 -10.84 14.72 -17.01
N ARG A 368 -9.62 15.15 -16.69
CA ARG A 368 -9.41 16.40 -15.98
C ARG A 368 -9.31 17.58 -16.93
N GLU A 369 -9.54 18.78 -16.40
CA GLU A 369 -9.27 19.99 -17.15
C GLU A 369 -7.78 20.32 -17.02
N HIS A 370 -7.01 20.03 -18.06
CA HIS A 370 -5.55 20.20 -18.02
C HIS A 370 -5.10 21.56 -18.57
N ARG A 371 -6.07 22.34 -19.04
CA ARG A 371 -5.79 23.66 -19.62
C ARG A 371 -5.83 24.71 -18.52
N HIS A 372 -4.68 25.28 -18.21
CA HIS A 372 -4.52 26.11 -17.02
C HIS A 372 -5.57 27.20 -16.84
N ASP A 373 -5.77 28.04 -17.86
CA ASP A 373 -6.67 29.17 -17.71
C ASP A 373 -8.13 28.75 -17.49
N ILE A 374 -8.56 27.71 -18.20
CA ILE A 374 -9.90 27.17 -18.00
C ILE A 374 -10.05 26.59 -16.61
N LEU A 375 -9.04 25.85 -16.17
CA LEU A 375 -9.02 25.28 -14.83
C LEU A 375 -9.20 26.38 -13.76
N VAL A 376 -8.42 27.45 -13.88
CA VAL A 376 -8.53 28.57 -12.95
C VAL A 376 -9.96 29.11 -12.91
N GLU A 377 -10.57 29.27 -14.08
CA GLU A 377 -11.93 29.80 -14.10
C GLU A 377 -12.89 28.83 -13.42
N GLN A 378 -12.62 27.54 -13.53
CA GLN A 378 -13.49 26.54 -12.88
C GLN A 378 -13.36 26.58 -11.36
N ILE A 379 -12.14 26.80 -10.87
CA ILE A 379 -11.94 27.00 -9.44
C ILE A 379 -12.79 28.18 -8.96
N LYS A 380 -12.76 29.26 -9.73
CA LYS A 380 -13.60 30.43 -9.45
C LYS A 380 -15.09 30.12 -9.48
N GLU A 381 -15.53 29.36 -10.50
CA GLU A 381 -16.94 29.01 -10.63
C GLU A 381 -17.43 28.24 -9.42
N LYS A 382 -16.50 27.59 -8.72
CA LYS A 382 -16.88 26.81 -7.54
C LYS A 382 -16.84 27.67 -6.28
N GLY A 383 -16.54 28.95 -6.45
CA GLY A 383 -16.46 29.86 -5.32
C GLY A 383 -15.19 29.73 -4.50
N LEU A 384 -14.17 29.11 -5.07
CA LEU A 384 -12.90 28.90 -4.36
C LEU A 384 -11.85 29.91 -4.81
N ASN A 385 -10.73 29.94 -4.10
CA ASN A 385 -9.65 30.88 -4.41
C ASN A 385 -8.47 30.19 -5.09
N PRO A 386 -8.23 30.50 -6.37
CA PRO A 386 -7.13 29.91 -7.14
C PRO A 386 -5.78 30.04 -6.43
N GLU A 387 -5.60 31.09 -5.65
CA GLU A 387 -4.33 31.29 -4.98
C GLU A 387 -4.09 30.24 -3.89
N SER A 388 -5.15 29.58 -3.46
CA SER A 388 -5.03 28.51 -2.50
C SER A 388 -4.50 27.21 -3.15
N PHE A 389 -4.40 27.22 -4.48
CA PHE A 389 -3.98 26.04 -5.22
C PHE A 389 -2.71 26.28 -6.04
N GLU A 390 -1.88 27.21 -5.61
CA GLU A 390 -0.76 27.60 -6.45
C GLU A 390 0.21 26.45 -6.75
N PHE A 391 0.48 25.59 -5.78
CA PHE A 391 1.44 24.52 -6.01
C PHE A 391 0.91 23.51 -7.02
N TYR A 392 -0.41 23.40 -7.07
CA TYR A 392 -1.08 22.52 -8.02
C TYR A 392 -1.17 23.18 -9.40
N LEU A 393 -1.58 24.45 -9.44
CA LEU A 393 -1.73 25.13 -10.71
C LEU A 393 -0.39 25.28 -11.43
N LYS A 394 0.68 25.45 -10.68
CA LYS A 394 2.02 25.60 -11.24
C LYS A 394 2.32 24.47 -12.23
N ALA A 395 1.89 23.25 -11.88
CA ALA A 395 2.14 22.06 -12.68
C ALA A 395 1.46 22.06 -14.04
N PHE A 396 0.53 22.99 -14.25
CA PHE A 396 -0.22 23.04 -15.49
C PHE A 396 0.37 24.06 -16.47
N ARG A 397 1.51 24.67 -16.11
CA ARG A 397 2.03 25.79 -16.90
C ARG A 397 3.27 25.47 -17.74
N TYR A 398 3.85 24.28 -17.55
CA TYR A 398 5.12 23.98 -18.20
C TYR A 398 5.08 22.68 -18.99
N GLY A 399 3.99 22.49 -19.72
CA GLY A 399 3.80 21.29 -20.50
C GLY A 399 3.03 20.25 -19.70
N MET A 400 1.71 20.28 -19.81
CA MET A 400 0.83 19.33 -19.12
C MET A 400 -0.01 18.59 -20.14
N PRO A 401 0.13 17.26 -20.22
CA PRO A 401 -0.67 16.51 -21.19
C PRO A 401 -2.11 16.35 -20.71
N PRO A 402 -3.02 16.00 -21.63
CA PRO A 402 -4.39 15.70 -21.22
C PRO A 402 -4.31 14.50 -20.29
N HIS A 403 -5.17 14.40 -19.30
CA HIS A 403 -5.13 13.27 -18.40
C HIS A 403 -6.46 13.05 -17.69
N GLY A 404 -6.57 11.90 -17.03
CA GLY A 404 -7.79 11.52 -16.35
C GLY A 404 -7.50 10.36 -15.42
N GLY A 405 -8.47 10.02 -14.58
CA GLY A 405 -8.21 8.98 -13.60
C GLY A 405 -9.44 8.70 -12.77
N PHE A 406 -9.24 8.02 -11.65
CA PHE A 406 -10.34 7.62 -10.80
C PHE A 406 -9.86 7.36 -9.39
N GLY A 407 -10.82 7.34 -8.48
CA GLY A 407 -10.59 6.90 -7.11
C GLY A 407 -11.55 5.75 -6.89
N LEU A 408 -11.02 4.60 -6.50
CA LEU A 408 -11.82 3.38 -6.28
C LEU A 408 -11.71 2.99 -4.81
N GLY A 409 -12.84 2.99 -4.11
CA GLY A 409 -12.80 2.73 -2.68
C GLY A 409 -12.58 1.25 -2.44
N ALA A 410 -11.58 0.90 -1.65
CA ALA A 410 -11.30 -0.51 -1.43
C ALA A 410 -12.41 -1.14 -0.62
N GLU A 411 -12.82 -0.47 0.45
CA GLU A 411 -13.93 -0.94 1.27
C GLU A 411 -15.21 -1.00 0.46
N ARG A 412 -15.49 0.04 -0.32
CA ARG A 412 -16.70 0.02 -1.15
C ARG A 412 -16.67 -1.18 -2.10
N LEU A 413 -15.52 -1.41 -2.73
CA LEU A 413 -15.41 -2.50 -3.71
C LEU A 413 -15.64 -3.85 -3.04
N ILE A 414 -14.98 -4.08 -1.92
CA ILE A 414 -15.06 -5.39 -1.27
C ILE A 414 -16.46 -5.61 -0.70
N LYS A 415 -17.02 -4.60 -0.03
CA LYS A 415 -18.38 -4.69 0.48
C LYS A 415 -19.38 -5.04 -0.63
N GLN A 416 -19.31 -4.33 -1.75
CA GLN A 416 -20.27 -4.56 -2.83
C GLN A 416 -20.02 -5.88 -3.53
N MET A 417 -18.76 -6.23 -3.73
CA MET A 417 -18.39 -7.50 -4.35
C MET A 417 -19.04 -8.69 -3.64
N LEU A 418 -19.05 -8.64 -2.31
CA LEU A 418 -19.55 -9.75 -1.52
C LEU A 418 -20.96 -9.49 -1.01
N ASP A 419 -21.59 -8.44 -1.55
CA ASP A 419 -22.96 -8.10 -1.21
C ASP A 419 -23.19 -8.05 0.31
N LEU A 420 -22.23 -7.46 1.02
CA LEU A 420 -22.29 -7.37 2.48
C LEU A 420 -23.12 -6.15 2.92
N PRO A 421 -23.87 -6.30 4.01
CA PRO A 421 -24.80 -5.22 4.36
C PRO A 421 -24.13 -4.00 4.95
N ASN A 422 -22.93 -4.16 5.50
CA ASN A 422 -22.33 -3.05 6.22
C ASN A 422 -20.84 -2.90 5.91
N ILE A 423 -20.43 -1.69 5.58
CA ILE A 423 -19.05 -1.45 5.19
C ILE A 423 -18.05 -1.73 6.32
N ARG A 424 -18.52 -1.76 7.56
CA ARG A 424 -17.64 -2.07 8.70
C ARG A 424 -17.15 -3.52 8.71
N GLU A 425 -17.78 -4.37 7.89
CA GLU A 425 -17.41 -5.78 7.85
C GLU A 425 -16.10 -5.99 7.09
N VAL A 426 -15.68 -4.99 6.31
CA VAL A 426 -14.54 -5.19 5.41
C VAL A 426 -13.29 -4.36 5.75
N ILE A 427 -13.27 -3.78 6.95
CA ILE A 427 -12.06 -3.11 7.43
C ILE A 427 -11.89 -3.46 8.90
N LEU A 428 -10.66 -3.74 9.32
CA LEU A 428 -10.48 -4.31 10.65
C LEU A 428 -10.95 -3.40 11.79
N PHE A 429 -10.54 -2.15 11.76
CA PHE A 429 -10.84 -1.21 12.83
C PHE A 429 -11.49 0.05 12.29
N PRO A 430 -12.80 -0.02 12.02
CA PRO A 430 -13.51 1.09 11.36
C PRO A 430 -13.47 2.38 12.17
N ARG A 431 -13.50 3.50 11.47
CA ARG A 431 -13.62 4.80 12.10
C ARG A 431 -14.90 5.42 11.55
N ASP A 432 -15.80 5.80 12.44
CA ASP A 432 -17.02 6.47 12.00
C ASP A 432 -17.40 7.59 12.96
N ARG A 433 -18.60 8.14 12.81
CA ARG A 433 -18.97 9.32 13.59
C ARG A 433 -18.92 9.01 15.09
N ARG A 434 -19.17 7.76 15.44
CA ARG A 434 -19.23 7.36 16.85
C ARG A 434 -18.10 6.41 17.28
N ARG A 435 -17.27 5.96 16.34
CA ARG A 435 -16.26 4.98 16.69
C ARG A 435 -14.85 5.49 16.44
N LEU A 436 -14.07 5.57 17.52
CA LEU A 436 -12.71 6.07 17.48
C LEU A 436 -11.75 5.02 18.04
N THR A 437 -12.31 4.06 18.78
CA THR A 437 -11.53 3.00 19.40
C THR A 437 -12.22 1.66 19.20
N PRO A 438 -11.47 0.55 19.26
CA PRO A 438 -10.04 0.45 19.55
C PRO A 438 -9.21 1.12 18.47
N MET B 1 -5.50 6.90 -27.31
CA MET B 1 -4.28 7.39 -26.65
C MET B 1 -3.42 8.09 -27.70
N TYR B 2 -2.71 9.13 -27.28
CA TYR B 2 -1.85 9.87 -28.21
C TYR B 2 -0.53 9.19 -28.54
N ARG B 3 -0.22 8.10 -27.86
CA ARG B 3 0.95 7.31 -28.23
C ARG B 3 0.61 5.83 -28.29
N THR B 4 1.36 5.09 -29.12
CA THR B 4 1.29 3.63 -29.13
C THR B 4 2.50 3.02 -28.44
N HIS B 5 3.62 3.74 -28.41
CA HIS B 5 4.85 3.17 -27.90
C HIS B 5 5.64 4.20 -27.14
N TYR B 6 6.15 3.80 -25.98
CA TYR B 6 7.17 4.59 -25.31
C TYR B 6 8.48 4.40 -26.07
N SER B 7 9.41 5.33 -25.87
CA SER B 7 10.73 5.27 -26.48
C SER B 7 11.39 3.90 -26.36
N SER B 8 11.17 3.24 -25.23
CA SER B 8 11.86 1.99 -24.92
C SER B 8 11.16 0.77 -25.53
N GLU B 9 10.00 0.98 -26.14
CA GLU B 9 9.19 -0.12 -26.62
C GLU B 9 9.33 -0.34 -28.12
N ILE B 10 10.09 0.53 -28.78
CA ILE B 10 10.29 0.41 -30.21
C ILE B 10 11.51 -0.47 -30.50
N THR B 11 11.26 -1.64 -31.08
CA THR B 11 12.34 -2.56 -31.42
C THR B 11 12.40 -2.82 -32.92
N GLU B 12 13.42 -3.56 -33.36
CA GLU B 12 13.64 -3.80 -34.78
C GLU B 12 12.45 -4.39 -35.52
N GLU B 13 11.65 -5.19 -34.83
CA GLU B 13 10.47 -5.79 -35.47
C GLU B 13 9.51 -4.73 -35.97
N LEU B 14 9.56 -3.54 -35.38
CA LEU B 14 8.67 -2.46 -35.78
C LEU B 14 9.22 -1.64 -36.95
N ASN B 15 10.41 -2.02 -37.43
CA ASN B 15 11.05 -1.27 -38.50
C ASN B 15 10.12 -1.08 -39.69
N GLY B 16 9.97 0.16 -40.12
CA GLY B 16 9.10 0.46 -41.25
C GLY B 16 7.61 0.50 -40.92
N GLN B 17 7.26 0.26 -39.67
CA GLN B 17 5.86 0.36 -39.26
C GLN B 17 5.51 1.77 -38.74
N LYS B 18 4.22 2.11 -38.77
CA LYS B 18 3.75 3.35 -38.18
C LYS B 18 3.58 3.17 -36.67
N VAL B 19 4.00 4.18 -35.92
CA VAL B 19 3.79 4.22 -34.49
C VAL B 19 3.37 5.64 -34.12
N LYS B 20 2.92 5.81 -32.87
CA LYS B 20 2.67 7.13 -32.33
C LYS B 20 3.53 7.26 -31.09
N VAL B 21 4.30 8.34 -31.02
CA VAL B 21 5.07 8.62 -29.82
C VAL B 21 4.61 9.97 -29.28
N ALA B 22 4.86 10.21 -28.01
CA ALA B 22 4.40 11.43 -27.38
C ALA B 22 5.22 11.74 -26.15
N GLY B 23 5.32 13.02 -25.84
CA GLY B 23 6.12 13.45 -24.71
C GLY B 23 6.39 14.95 -24.72
N TRP B 24 7.53 15.32 -24.17
CA TRP B 24 7.90 16.72 -24.00
C TRP B 24 9.04 17.05 -24.95
N VAL B 25 9.01 18.23 -25.56
CA VAL B 25 10.08 18.60 -26.49
C VAL B 25 11.38 18.76 -25.72
N TRP B 26 12.37 17.96 -26.09
CA TRP B 26 13.66 17.99 -25.42
C TRP B 26 14.59 18.93 -26.17
N GLU B 27 14.64 18.75 -27.48
CA GLU B 27 15.49 19.59 -28.31
C GLU B 27 14.92 19.71 -29.71
N VAL B 28 15.05 20.90 -30.29
CA VAL B 28 14.80 21.06 -31.72
C VAL B 28 16.07 21.58 -32.41
N LYS B 29 16.43 20.96 -33.52
CA LYS B 29 17.55 21.46 -34.32
C LYS B 29 17.10 21.66 -35.75
N ASP B 30 17.01 22.93 -36.16
CA ASP B 30 16.68 23.27 -37.54
C ASP B 30 17.99 23.45 -38.28
N LEU B 31 18.37 22.47 -39.09
CA LEU B 31 19.68 22.52 -39.75
C LEU B 31 19.58 22.74 -41.25
N GLY B 32 18.67 23.62 -41.66
CA GLY B 32 18.48 23.92 -43.07
C GLY B 32 17.62 22.88 -43.77
N GLY B 33 18.24 22.06 -44.61
CA GLY B 33 17.53 21.07 -45.41
C GLY B 33 17.03 19.87 -44.63
N ILE B 34 17.45 19.76 -43.37
CA ILE B 34 16.97 18.71 -42.48
C ILE B 34 16.75 19.30 -41.10
N LYS B 35 15.73 18.82 -40.41
CA LYS B 35 15.46 19.27 -39.04
C LYS B 35 15.28 18.06 -38.14
N PHE B 36 15.58 18.24 -36.86
CA PHE B 36 15.47 17.15 -35.89
C PHE B 36 14.63 17.61 -34.71
N LEU B 37 13.79 16.73 -34.23
CA LEU B 37 12.98 17.01 -33.04
C LEU B 37 13.18 15.84 -32.11
N TRP B 38 13.60 16.13 -30.88
CA TRP B 38 13.77 15.08 -29.89
C TRP B 38 12.69 15.20 -28.83
N ILE B 39 12.03 14.08 -28.53
CA ILE B 39 10.91 14.05 -27.59
C ILE B 39 11.30 13.21 -26.39
N ARG B 40 11.07 13.72 -25.18
CA ARG B 40 11.42 12.96 -23.99
C ARG B 40 10.16 12.34 -23.41
N ASP B 41 10.23 11.04 -23.11
CA ASP B 41 9.17 10.41 -22.32
C ASP B 41 9.80 9.78 -21.08
N ARG B 42 8.99 9.02 -20.34
CA ARG B 42 9.40 8.49 -19.05
C ARG B 42 10.67 7.64 -19.18
N ASP B 43 10.86 7.04 -20.36
CA ASP B 43 11.95 6.10 -20.55
C ASP B 43 13.18 6.64 -21.27
N GLY B 44 13.09 7.84 -21.81
CA GLY B 44 14.22 8.38 -22.53
C GLY B 44 13.78 9.30 -23.64
N ILE B 45 14.66 9.48 -24.63
CA ILE B 45 14.39 10.38 -25.75
C ILE B 45 14.16 9.58 -27.03
N VAL B 46 13.38 10.12 -27.95
CA VAL B 46 13.15 9.50 -29.25
C VAL B 46 13.45 10.52 -30.34
N GLN B 47 14.13 10.08 -31.39
CA GLN B 47 14.53 11.01 -32.45
C GLN B 47 13.50 11.09 -33.57
N ILE B 48 13.02 12.30 -33.83
CA ILE B 48 12.17 12.56 -34.97
C ILE B 48 13.02 13.25 -36.03
N THR B 49 13.11 12.65 -37.22
CA THR B 49 13.99 13.15 -38.28
C THR B 49 13.17 13.62 -39.46
N ALA B 50 13.36 14.87 -39.87
CA ALA B 50 12.57 15.48 -40.93
C ALA B 50 13.43 16.03 -42.09
N PRO B 51 13.80 15.15 -43.03
CA PRO B 51 14.47 15.56 -44.27
C PRO B 51 13.47 16.28 -45.17
N LYS B 52 13.87 17.41 -45.74
CA LYS B 52 12.92 18.26 -46.47
C LYS B 52 12.14 17.50 -47.53
N LYS B 53 12.84 16.63 -48.28
CA LYS B 53 12.19 15.91 -49.38
C LYS B 53 11.32 14.74 -48.90
N LYS B 54 11.35 14.45 -47.60
CA LYS B 54 10.62 13.30 -47.07
C LYS B 54 9.45 13.62 -46.13
N VAL B 55 9.20 14.90 -45.86
CA VAL B 55 8.09 15.29 -44.98
C VAL B 55 7.20 16.37 -45.62
N ASP B 56 5.95 16.45 -45.15
CA ASP B 56 5.02 17.50 -45.55
C ASP B 56 5.64 18.84 -45.19
N PRO B 57 5.52 19.83 -46.08
CA PRO B 57 6.11 21.17 -45.87
C PRO B 57 5.57 21.87 -44.62
N GLU B 58 4.31 21.64 -44.28
CA GLU B 58 3.79 22.30 -43.09
C GLU B 58 4.43 21.70 -41.83
N LEU B 59 4.75 20.42 -41.90
CA LEU B 59 5.49 19.75 -40.85
C LEU B 59 6.88 20.37 -40.74
N PHE B 60 7.52 20.51 -41.89
CA PHE B 60 8.85 21.10 -41.97
C PHE B 60 8.90 22.49 -41.33
N LYS B 61 7.87 23.31 -41.52
CA LYS B 61 7.92 24.65 -40.95
C LYS B 61 7.42 24.69 -39.51
N LEU B 62 6.71 23.65 -39.09
CA LEU B 62 6.21 23.61 -37.72
C LEU B 62 7.35 23.35 -36.72
N ILE B 63 8.24 22.43 -37.07
CA ILE B 63 9.28 22.00 -36.15
C ILE B 63 10.07 23.14 -35.45
N PRO B 64 10.54 24.15 -36.21
CA PRO B 64 11.27 25.25 -35.57
C PRO B 64 10.43 26.07 -34.58
N LYS B 65 9.10 26.00 -34.69
CA LYS B 65 8.23 26.75 -33.78
C LYS B 65 8.05 26.06 -32.43
N LEU B 66 8.42 24.79 -32.35
CA LEU B 66 8.28 24.04 -31.10
C LEU B 66 9.26 24.55 -30.04
N ARG B 67 8.81 24.57 -28.80
CA ARG B 67 9.63 25.10 -27.71
C ARG B 67 9.90 24.05 -26.66
N SER B 68 11.01 24.22 -25.95
CA SER B 68 11.39 23.36 -24.84
C SER B 68 10.20 23.06 -23.92
N GLU B 69 9.98 21.78 -23.67
CA GLU B 69 8.93 21.28 -22.77
C GLU B 69 7.49 21.39 -23.26
N ASP B 70 7.27 21.86 -24.50
CA ASP B 70 5.95 21.70 -25.12
C ASP B 70 5.59 20.22 -25.12
N VAL B 71 4.32 19.91 -24.90
CA VAL B 71 3.86 18.52 -24.99
C VAL B 71 3.35 18.25 -26.39
N VAL B 72 3.91 17.25 -27.04
CA VAL B 72 3.57 16.96 -28.43
C VAL B 72 3.39 15.47 -28.64
N ALA B 73 2.71 15.11 -29.72
CA ALA B 73 2.54 13.73 -30.11
C ALA B 73 2.84 13.63 -31.59
N VAL B 74 3.52 12.56 -31.98
CA VAL B 74 3.99 12.42 -33.34
C VAL B 74 3.57 11.06 -33.87
N GLU B 75 2.99 11.04 -35.07
CA GLU B 75 2.73 9.78 -35.74
C GLU B 75 3.66 9.68 -36.93
N GLY B 76 4.36 8.56 -37.07
CA GLY B 76 5.30 8.42 -38.16
C GLY B 76 5.82 7.02 -38.33
N VAL B 77 6.81 6.87 -39.20
CA VAL B 77 7.31 5.58 -39.58
C VAL B 77 8.66 5.32 -38.91
N VAL B 78 8.79 4.15 -38.30
CA VAL B 78 10.02 3.76 -37.64
C VAL B 78 11.08 3.43 -38.67
N ASN B 79 12.26 4.01 -38.51
CA ASN B 79 13.37 3.73 -39.40
C ASN B 79 14.60 3.41 -38.58
N PHE B 80 14.95 2.14 -38.51
CA PHE B 80 16.19 1.78 -37.83
C PHE B 80 17.38 2.14 -38.71
N THR B 81 18.33 2.87 -38.14
CA THR B 81 19.49 3.32 -38.90
C THR B 81 20.67 3.59 -37.98
N PRO B 82 21.89 3.28 -38.45
CA PRO B 82 23.11 3.50 -37.67
C PRO B 82 23.32 4.99 -37.41
N LYS B 83 22.74 5.83 -38.28
CA LYS B 83 22.84 7.28 -38.15
C LYS B 83 22.10 7.81 -36.93
N ALA B 84 21.27 6.96 -36.35
CA ALA B 84 20.47 7.34 -35.19
C ALA B 84 21.14 6.94 -33.88
N LYS B 85 21.35 7.94 -33.02
CA LYS B 85 21.95 7.78 -31.71
C LYS B 85 21.51 6.47 -31.04
N LEU B 86 20.21 6.22 -31.09
CA LEU B 86 19.62 5.15 -30.31
C LEU B 86 19.08 4.02 -31.17
N GLY B 87 19.59 3.91 -32.40
CA GLY B 87 19.30 2.78 -33.26
C GLY B 87 18.20 3.04 -34.28
N PHE B 88 17.30 3.97 -33.97
CA PHE B 88 16.19 4.24 -34.86
C PHE B 88 15.72 5.67 -34.75
N GLU B 89 15.04 6.13 -35.78
CA GLU B 89 14.43 7.44 -35.78
C GLU B 89 13.01 7.26 -36.26
N ILE B 90 12.19 8.28 -36.06
CA ILE B 90 10.85 8.27 -36.61
C ILE B 90 10.72 9.35 -37.68
N LEU B 91 10.22 8.94 -38.85
CA LEU B 91 9.95 9.89 -39.93
C LEU B 91 8.51 10.36 -39.79
N PRO B 92 8.32 11.64 -39.45
CA PRO B 92 7.01 12.08 -39.00
C PRO B 92 6.00 12.25 -40.14
N GLU B 93 4.75 11.90 -39.88
CA GLU B 93 3.69 12.16 -40.83
C GLU B 93 2.73 13.18 -40.26
N LYS B 94 2.60 13.17 -38.93
CA LYS B 94 1.74 14.11 -38.25
C LYS B 94 2.37 14.51 -36.92
N ILE B 95 2.37 15.82 -36.65
CA ILE B 95 2.84 16.32 -35.37
C ILE B 95 1.76 17.20 -34.76
N VAL B 96 1.34 16.87 -33.56
CA VAL B 96 0.32 17.64 -32.86
C VAL B 96 0.89 18.24 -31.59
N VAL B 97 0.70 19.54 -31.41
CA VAL B 97 1.06 20.21 -30.16
C VAL B 97 -0.13 20.08 -29.23
N LEU B 98 0.07 19.38 -28.12
CA LEU B 98 -1.03 19.15 -27.18
C LEU B 98 -1.15 20.26 -26.15
N ASN B 99 0.00 20.80 -25.74
CA ASN B 99 0.02 21.80 -24.68
C ASN B 99 1.36 22.51 -24.65
N ARG B 100 1.32 23.84 -24.64
CA ARG B 100 2.53 24.66 -24.72
C ARG B 100 3.06 25.08 -23.34
N ALA B 101 4.37 24.94 -23.15
CA ALA B 101 5.03 25.32 -21.90
C ALA B 101 5.32 26.83 -21.82
N GLU B 102 5.19 27.38 -20.63
CA GLU B 102 5.63 28.74 -20.33
C GLU B 102 7.15 28.76 -20.27
N THR B 103 7.76 29.94 -20.32
CA THR B 103 9.14 30.00 -20.85
C THR B 103 10.31 30.43 -19.99
N PRO B 104 10.06 30.97 -18.78
CA PRO B 104 11.16 30.67 -17.86
C PRO B 104 10.72 29.40 -17.11
N LEU B 105 11.40 28.26 -17.29
CA LEU B 105 11.07 27.04 -16.55
C LEU B 105 11.52 27.15 -15.09
N PRO B 106 10.80 26.51 -14.16
CA PRO B 106 11.17 26.59 -12.74
C PRO B 106 12.52 25.95 -12.45
N LEU B 107 12.85 24.90 -13.20
CA LEU B 107 14.09 24.15 -13.01
C LEU B 107 14.62 23.87 -14.40
N ASP B 108 15.91 23.59 -14.49
CA ASP B 108 16.53 23.25 -15.77
C ASP B 108 16.54 21.73 -15.96
N PRO B 109 15.68 21.22 -16.86
CA PRO B 109 15.56 19.77 -17.06
C PRO B 109 16.78 19.17 -17.75
N THR B 110 17.72 19.99 -18.21
CA THR B 110 18.95 19.45 -18.78
C THR B 110 19.96 19.18 -17.68
N GLY B 111 19.73 19.77 -16.51
CA GLY B 111 20.62 19.57 -15.39
C GLY B 111 21.86 20.44 -15.43
N LYS B 112 22.05 21.16 -16.52
CA LYS B 112 23.20 22.07 -16.64
C LYS B 112 23.23 23.09 -15.51
N VAL B 113 22.15 23.83 -15.35
CA VAL B 113 22.01 24.74 -14.23
C VAL B 113 21.37 23.97 -13.08
N LYS B 114 22.16 23.67 -12.05
CA LYS B 114 21.64 22.86 -10.96
C LYS B 114 20.89 23.71 -9.95
N ALA B 115 19.88 23.13 -9.34
CA ALA B 115 19.07 23.86 -8.37
C ALA B 115 19.16 23.26 -6.98
N GLU B 116 18.82 24.08 -5.98
CA GLU B 116 18.78 23.66 -4.59
C GLU B 116 17.71 22.60 -4.39
N LEU B 117 17.85 21.78 -3.35
CA LEU B 117 16.84 20.79 -3.02
C LEU B 117 15.47 21.43 -2.82
N ASP B 118 15.43 22.53 -2.08
CA ASP B 118 14.18 23.23 -1.81
C ASP B 118 13.44 23.57 -3.11
N THR B 119 14.17 24.12 -4.08
CA THR B 119 13.57 24.51 -5.34
C THR B 119 13.07 23.29 -6.07
N ARG B 120 13.82 22.20 -5.95
CA ARG B 120 13.49 20.97 -6.64
C ARG B 120 12.22 20.35 -6.05
N LEU B 121 12.10 20.37 -4.72
CA LEU B 121 10.92 19.82 -4.07
C LEU B 121 9.70 20.70 -4.34
N ASP B 122 9.91 22.01 -4.39
CA ASP B 122 8.83 22.92 -4.73
C ASP B 122 8.32 22.69 -6.14
N ASN B 123 9.18 22.12 -6.98
CA ASN B 123 8.79 21.89 -8.37
C ASN B 123 9.03 20.46 -8.80
N ARG B 124 8.48 19.53 -8.02
CA ARG B 124 8.76 18.12 -8.24
C ARG B 124 8.40 17.61 -9.61
N PHE B 125 7.30 18.10 -10.19
CA PHE B 125 6.91 17.68 -11.53
C PHE B 125 8.01 17.98 -12.55
N MET B 126 8.75 19.08 -12.35
CA MET B 126 9.89 19.38 -13.23
C MET B 126 11.09 18.50 -12.86
N ASP B 127 11.31 18.32 -11.57
CA ASP B 127 12.47 17.58 -11.08
C ASP B 127 12.51 16.17 -11.66
N LEU B 128 11.35 15.51 -11.71
CA LEU B 128 11.28 14.16 -12.26
C LEU B 128 11.54 14.05 -13.76
N ARG B 129 11.55 15.18 -14.46
CA ARG B 129 11.86 15.14 -15.89
C ARG B 129 13.33 14.84 -16.11
N ARG B 130 14.11 14.97 -15.04
CA ARG B 130 15.51 14.58 -15.09
C ARG B 130 15.62 13.07 -14.86
N PRO B 131 16.34 12.36 -15.73
CA PRO B 131 16.46 10.90 -15.65
C PRO B 131 16.95 10.40 -14.28
N GLU B 132 17.88 11.10 -13.65
CA GLU B 132 18.39 10.61 -12.36
C GLU B 132 17.33 10.68 -11.27
N VAL B 133 16.41 11.63 -11.39
CA VAL B 133 15.34 11.73 -10.41
C VAL B 133 14.24 10.72 -10.73
N MET B 134 13.85 10.63 -11.99
CA MET B 134 12.89 9.63 -12.41
C MET B 134 13.38 8.24 -11.98
N ALA B 135 14.68 8.00 -12.11
CA ALA B 135 15.25 6.70 -11.79
C ALA B 135 14.98 6.30 -10.34
N ILE B 136 15.09 7.27 -9.43
CA ILE B 136 14.84 7.00 -8.01
C ILE B 136 13.40 6.55 -7.79
N PHE B 137 12.45 7.23 -8.43
CA PHE B 137 11.04 6.89 -8.17
C PHE B 137 10.55 5.64 -8.88
N LYS B 138 11.19 5.30 -9.99
CA LYS B 138 10.99 4.00 -10.59
C LYS B 138 11.50 2.91 -9.65
N ILE B 139 12.67 3.14 -9.08
CA ILE B 139 13.24 2.19 -8.14
C ILE B 139 12.37 2.08 -6.87
N ARG B 140 11.85 3.21 -6.39
CA ARG B 140 10.96 3.17 -5.22
C ARG B 140 9.77 2.23 -5.49
N SER B 141 9.13 2.42 -6.64
CA SER B 141 8.02 1.56 -7.02
C SER B 141 8.44 0.08 -7.08
N SER B 142 9.62 -0.19 -7.62
CA SER B 142 10.15 -1.54 -7.70
C SER B 142 10.35 -2.16 -6.33
N VAL B 143 10.92 -1.39 -5.40
CA VAL B 143 11.15 -1.88 -4.05
C VAL B 143 9.83 -2.25 -3.37
N PHE B 144 8.82 -1.41 -3.52
CA PHE B 144 7.52 -1.73 -2.97
C PHE B 144 6.97 -3.05 -3.52
N LYS B 145 7.05 -3.24 -4.83
CA LYS B 145 6.55 -4.47 -5.44
C LYS B 145 7.34 -5.69 -4.95
N ALA B 146 8.67 -5.59 -4.94
CA ALA B 146 9.47 -6.74 -4.52
C ALA B 146 9.12 -7.15 -3.10
N VAL B 147 8.94 -6.17 -2.23
CA VAL B 147 8.65 -6.45 -0.83
C VAL B 147 7.32 -7.20 -0.73
N ARG B 148 6.29 -6.66 -1.38
CA ARG B 148 4.98 -7.30 -1.33
C ARG B 148 5.00 -8.71 -1.92
N ASP B 149 5.73 -8.89 -3.02
CA ASP B 149 5.78 -10.20 -3.66
C ASP B 149 6.42 -11.19 -2.69
N PHE B 150 7.44 -10.75 -1.97
CA PHE B 150 8.12 -11.64 -1.05
C PHE B 150 7.20 -12.06 0.10
N PHE B 151 6.50 -11.09 0.67
CA PHE B 151 5.48 -11.41 1.69
C PHE B 151 4.46 -12.43 1.18
N HIS B 152 3.90 -12.18 0.00
CA HIS B 152 2.92 -13.11 -0.56
C HIS B 152 3.46 -14.53 -0.74
N GLU B 153 4.67 -14.65 -1.30
CA GLU B 153 5.28 -15.96 -1.54
C GLU B 153 5.53 -16.70 -0.23
N ASN B 154 5.63 -15.96 0.86
CA ASN B 154 5.91 -16.57 2.16
C ASN B 154 4.67 -16.69 3.05
N GLY B 155 3.50 -16.57 2.44
CA GLY B 155 2.25 -16.86 3.14
C GLY B 155 1.73 -15.76 4.05
N PHE B 156 2.20 -14.53 3.82
CA PHE B 156 1.73 -13.39 4.60
C PHE B 156 0.46 -12.78 4.00
N ILE B 157 -0.43 -12.31 4.86
CA ILE B 157 -1.67 -11.69 4.42
C ILE B 157 -1.57 -10.19 4.66
N GLU B 158 -1.96 -9.38 3.68
CA GLU B 158 -1.88 -7.93 3.87
C GLU B 158 -3.01 -7.46 4.78
N ILE B 159 -2.67 -6.61 5.76
CA ILE B 159 -3.68 -6.02 6.62
C ILE B 159 -3.57 -4.48 6.60
N HIS B 160 -4.59 -3.83 7.13
CA HIS B 160 -4.68 -2.38 7.12
C HIS B 160 -5.20 -1.97 8.48
N THR B 161 -4.41 -1.21 9.21
CA THR B 161 -4.81 -0.80 10.55
C THR B 161 -5.00 0.72 10.62
N PRO B 162 -5.68 1.21 11.67
CA PRO B 162 -6.10 2.62 11.63
C PRO B 162 -4.98 3.64 11.79
N LYS B 163 -5.12 4.78 11.13
CA LYS B 163 -4.15 5.85 11.25
C LYS B 163 -4.65 6.95 12.19
N ILE B 164 -5.96 7.04 12.39
CA ILE B 164 -6.49 7.94 13.40
C ILE B 164 -6.76 7.11 14.63
N ILE B 165 -6.05 7.39 15.71
CA ILE B 165 -6.18 6.57 16.90
C ILE B 165 -6.20 7.40 18.16
N ALA B 166 -6.52 6.77 19.27
CA ALA B 166 -6.60 7.44 20.55
C ALA B 166 -6.04 6.50 21.62
N THR B 167 -5.02 5.75 21.26
CA THR B 167 -4.40 4.79 22.18
C THR B 167 -3.25 5.43 22.93
N ALA B 168 -2.87 4.82 24.04
CA ALA B 168 -1.63 5.19 24.71
C ALA B 168 -0.43 4.77 23.86
N THR B 169 0.75 5.35 24.11
CA THR B 169 1.98 4.88 23.48
C THR B 169 3.06 4.83 24.53
N GLU B 170 4.14 4.10 24.27
CA GLU B 170 5.22 4.01 25.25
C GLU B 170 5.89 5.38 25.49
N GLY B 171 6.21 6.08 24.42
CA GLY B 171 7.03 7.28 24.54
C GLY B 171 6.28 8.56 24.81
N GLY B 172 5.04 8.65 24.32
CA GLY B 172 4.27 9.88 24.42
C GLY B 172 4.97 11.10 23.87
N THR B 173 5.65 10.95 22.73
CA THR B 173 6.37 12.06 22.11
C THR B 173 6.18 12.02 20.60
N GLU B 174 6.48 13.13 19.92
CA GLU B 174 6.37 13.19 18.46
C GLU B 174 4.97 12.89 17.93
N LEU B 175 3.97 13.13 18.76
CA LEU B 175 2.59 12.87 18.36
C LEU B 175 2.03 14.04 17.58
N PHE B 176 1.22 13.75 16.57
CA PHE B 176 0.40 14.76 15.91
C PHE B 176 -1.03 14.66 16.47
N PRO B 177 -1.37 15.54 17.42
CA PRO B 177 -2.74 15.51 17.97
C PRO B 177 -3.72 16.03 16.94
N MET B 178 -4.96 15.57 16.97
CA MET B 178 -6.00 16.11 16.10
C MET B 178 -7.35 15.95 16.77
N LYS B 179 -8.26 16.88 16.52
CA LYS B 179 -9.63 16.72 16.98
C LYS B 179 -10.33 15.67 16.14
N TYR B 180 -11.05 14.78 16.80
CA TYR B 180 -11.93 13.85 16.09
C TYR B 180 -13.35 14.10 16.60
N PHE B 181 -14.06 15.02 15.95
CA PHE B 181 -15.35 15.49 16.42
C PHE B 181 -15.24 15.94 17.88
N GLU B 182 -15.92 15.24 18.78
CA GLU B 182 -15.91 15.61 20.19
C GLU B 182 -14.67 15.14 20.93
N GLU B 183 -13.98 14.16 20.36
CA GLU B 183 -12.87 13.49 21.05
C GLU B 183 -11.51 13.99 20.61
N ASP B 184 -10.49 13.64 21.37
CA ASP B 184 -9.12 13.96 20.97
C ASP B 184 -8.46 12.70 20.46
N ALA B 185 -7.70 12.84 19.39
CA ALA B 185 -7.05 11.70 18.76
C ALA B 185 -5.66 12.13 18.32
N PHE B 186 -4.97 11.21 17.65
CA PHE B 186 -3.62 11.44 17.17
C PHE B 186 -3.45 10.63 15.89
N LEU B 187 -2.46 10.98 15.08
CA LEU B 187 -2.12 10.15 13.93
C LEU B 187 -1.19 9.04 14.40
N ALA B 188 -1.35 7.84 13.84
CA ALA B 188 -0.56 6.70 14.28
C ALA B 188 0.91 6.85 13.90
N GLN B 189 1.80 6.43 14.80
CA GLN B 189 3.25 6.48 14.55
C GLN B 189 3.79 5.10 14.14
N SER B 190 2.97 4.08 14.34
CA SER B 190 3.35 2.70 14.05
C SER B 190 2.13 1.85 14.27
N PRO B 191 1.98 0.76 13.49
CA PRO B 191 0.84 -0.13 13.75
C PRO B 191 1.14 -1.17 14.83
N GLN B 192 2.24 -1.01 15.56
CA GLN B 192 2.71 -1.97 16.57
C GLN B 192 1.62 -2.67 17.39
N LEU B 193 0.81 -1.90 18.10
CA LEU B 193 -0.18 -2.50 18.98
C LEU B 193 -1.20 -3.29 18.18
N TYR B 194 -1.57 -2.76 17.01
CA TYR B 194 -2.59 -3.42 16.19
C TYR B 194 -2.12 -4.72 15.57
N LYS B 195 -0.90 -4.72 15.03
CA LYS B 195 -0.39 -5.95 14.43
C LYS B 195 -0.18 -7.05 15.47
N GLN B 196 0.18 -6.66 16.69
CA GLN B 196 0.27 -7.63 17.78
C GLN B 196 -1.10 -8.19 18.15
N ILE B 197 -2.08 -7.31 18.31
CA ILE B 197 -3.44 -7.75 18.56
C ILE B 197 -3.86 -8.81 17.54
N MET B 198 -3.53 -8.60 16.27
CA MET B 198 -3.95 -9.54 15.24
C MET B 198 -3.19 -10.88 15.29
N MET B 199 -2.14 -10.96 16.10
CA MET B 199 -1.48 -12.25 16.31
C MET B 199 -2.37 -13.18 17.11
N ALA B 200 -3.39 -12.63 17.75
CA ALA B 200 -4.35 -13.46 18.47
C ALA B 200 -5.53 -13.89 17.60
N SER B 201 -5.50 -13.53 16.32
CA SER B 201 -6.65 -13.71 15.43
C SER B 201 -6.56 -14.99 14.60
N GLY B 202 -5.35 -15.55 14.49
CA GLY B 202 -5.14 -16.70 13.61
C GLY B 202 -4.53 -16.28 12.28
N LEU B 203 -4.57 -14.99 11.99
CA LEU B 203 -3.95 -14.48 10.77
C LEU B 203 -2.49 -14.93 10.69
N ASP B 204 -1.80 -14.90 11.84
CA ASP B 204 -0.44 -15.45 12.03
C ASP B 204 0.71 -14.72 11.32
N ARG B 205 0.50 -14.39 10.06
CA ARG B 205 1.57 -13.84 9.23
C ARG B 205 1.00 -12.66 8.51
N VAL B 206 1.25 -11.46 9.04
CA VAL B 206 0.66 -10.25 8.48
C VAL B 206 1.74 -9.24 8.07
N TYR B 207 1.37 -8.40 7.11
CA TYR B 207 2.18 -7.23 6.81
C TYR B 207 1.28 -6.08 6.44
N GLU B 208 1.80 -4.88 6.62
CA GLU B 208 1.09 -3.66 6.27
C GLU B 208 2.12 -2.70 5.70
N ILE B 209 1.77 -2.03 4.61
CA ILE B 209 2.62 -1.00 4.05
C ILE B 209 1.79 0.26 4.00
N ALA B 210 2.12 1.24 4.83
CA ALA B 210 1.21 2.34 5.04
C ALA B 210 1.96 3.51 5.67
N PRO B 211 1.39 4.72 5.54
CA PRO B 211 2.07 5.89 6.12
C PRO B 211 2.12 5.81 7.63
N ILE B 212 3.18 6.39 8.19
CA ILE B 212 3.26 6.65 9.63
C ILE B 212 3.55 8.14 9.82
N PHE B 213 3.18 8.68 10.96
CA PHE B 213 3.28 10.13 11.15
C PHE B 213 3.96 10.42 12.48
N ARG B 214 5.07 11.15 12.44
CA ARG B 214 5.79 11.48 13.65
C ARG B 214 6.20 12.93 13.57
N ALA B 215 5.83 13.70 14.58
CA ALA B 215 6.17 15.12 14.61
C ALA B 215 7.57 15.29 15.20
N GLU B 216 8.59 14.92 14.43
CA GLU B 216 9.97 15.02 14.89
C GLU B 216 10.23 16.52 15.12
N GLU B 217 10.91 16.89 16.19
CA GLU B 217 11.01 18.33 16.46
C GLU B 217 12.10 19.04 15.67
N HIS B 218 13.04 18.27 15.14
CA HIS B 218 14.10 18.86 14.30
C HIS B 218 14.42 18.02 13.06
N ASN B 219 14.85 18.69 12.00
CA ASN B 219 15.14 18.03 10.75
C ASN B 219 16.47 17.31 10.78
N THR B 220 16.55 16.19 10.06
CA THR B 220 17.81 15.50 9.82
C THR B 220 17.73 15.00 8.40
N THR B 221 18.83 14.50 7.88
CA THR B 221 18.82 13.92 6.55
C THR B 221 18.23 12.52 6.53
N ARG B 222 17.86 12.00 7.71
CA ARG B 222 17.40 10.62 7.83
C ARG B 222 15.94 10.51 8.31
N HIS B 223 15.28 11.63 8.58
CA HIS B 223 13.94 11.62 9.17
C HIS B 223 12.96 12.44 8.32
N LEU B 224 11.71 12.00 8.29
CA LEU B 224 10.61 12.77 7.74
C LEU B 224 9.50 12.75 8.77
N ASN B 225 8.62 13.73 8.74
CA ASN B 225 7.44 13.68 9.61
C ASN B 225 6.33 12.80 9.07
N GLU B 226 6.44 12.42 7.81
CA GLU B 226 5.51 11.46 7.20
C GLU B 226 6.37 10.47 6.42
N ALA B 227 6.19 9.19 6.68
CA ALA B 227 7.03 8.17 6.06
C ALA B 227 6.19 6.94 5.80
N TRP B 228 6.71 6.03 4.97
CA TRP B 228 5.98 4.81 4.67
C TRP B 228 6.65 3.68 5.38
N SER B 229 5.91 3.01 6.25
CA SER B 229 6.49 1.91 7.02
C SER B 229 6.02 0.55 6.51
N ILE B 230 6.98 -0.36 6.35
CA ILE B 230 6.71 -1.73 5.96
C ILE B 230 6.73 -2.53 7.24
N ASP B 231 5.56 -2.91 7.72
CA ASP B 231 5.41 -3.57 9.00
C ASP B 231 5.03 -5.01 8.84
N SER B 232 5.63 -5.87 9.64
CA SER B 232 5.24 -7.26 9.65
C SER B 232 5.18 -7.78 11.06
N GLU B 233 4.36 -8.80 11.27
CA GLU B 233 4.34 -9.51 12.53
C GLU B 233 4.03 -10.96 12.19
N MET B 234 4.70 -11.88 12.88
CA MET B 234 4.57 -13.30 12.55
C MET B 234 4.53 -14.15 13.81
N ALA B 235 3.61 -15.11 13.82
CA ALA B 235 3.36 -15.90 15.03
C ALA B 235 3.97 -17.30 14.95
N PHE B 236 4.06 -17.96 16.10
CA PHE B 236 4.58 -19.32 16.22
C PHE B 236 6.09 -19.44 15.99
N ILE B 237 6.81 -18.35 16.18
CA ILE B 237 8.27 -18.37 16.12
C ILE B 237 8.84 -18.93 17.42
N GLU B 238 10.08 -19.41 17.37
CA GLU B 238 10.76 -19.90 18.57
C GLU B 238 11.75 -18.89 19.13
N ASP B 239 12.20 -17.97 18.29
CA ASP B 239 13.14 -16.91 18.72
C ASP B 239 13.21 -15.78 17.71
N GLU B 240 13.91 -14.71 18.07
CA GLU B 240 13.98 -13.52 17.21
C GLU B 240 14.86 -13.73 15.98
N GLU B 241 15.74 -14.73 16.02
CA GLU B 241 16.54 -15.02 14.83
C GLU B 241 15.67 -15.47 13.64
N GLU B 242 14.53 -16.09 13.92
CA GLU B 242 13.64 -16.44 12.82
C GLU B 242 13.06 -15.20 12.15
N VAL B 243 12.78 -14.15 12.93
CA VAL B 243 12.34 -12.88 12.35
C VAL B 243 13.48 -12.21 11.58
N MET B 244 14.68 -12.20 12.15
CA MET B 244 15.85 -11.60 11.49
C MET B 244 16.15 -12.30 10.16
N SER B 245 16.09 -13.63 10.16
CA SER B 245 16.30 -14.38 8.93
C SER B 245 15.30 -13.98 7.85
N PHE B 246 14.03 -13.91 8.24
CA PHE B 246 13.01 -13.48 7.29
C PHE B 246 13.32 -12.08 6.75
N LEU B 247 13.63 -11.16 7.66
CA LEU B 247 13.84 -9.77 7.30
C LEU B 247 15.02 -9.63 6.34
N GLU B 248 16.12 -10.33 6.63
CA GLU B 248 17.28 -10.20 5.74
C GLU B 248 16.96 -10.77 4.35
N ARG B 249 16.19 -11.85 4.29
CA ARG B 249 15.84 -12.42 3.00
C ARG B 249 14.93 -11.47 2.22
N LEU B 250 14.02 -10.82 2.95
CA LEU B 250 13.13 -9.82 2.35
C LEU B 250 13.93 -8.67 1.73
N VAL B 251 14.86 -8.12 2.51
CA VAL B 251 15.65 -6.99 2.05
C VAL B 251 16.56 -7.40 0.89
N ALA B 252 17.15 -8.58 0.99
CA ALA B 252 17.96 -9.10 -0.11
C ALA B 252 17.11 -9.28 -1.37
N HIS B 253 15.87 -9.73 -1.20
CA HIS B 253 14.98 -9.87 -2.36
C HIS B 253 14.71 -8.51 -3.02
N ALA B 254 14.48 -7.48 -2.21
CA ALA B 254 14.25 -6.15 -2.75
C ALA B 254 15.49 -5.66 -3.49
N ILE B 255 16.65 -5.86 -2.87
CA ILE B 255 17.89 -5.43 -3.50
C ILE B 255 18.10 -6.15 -4.83
N ASN B 256 17.97 -7.46 -4.82
CA ASN B 256 18.14 -8.23 -6.06
C ASN B 256 17.13 -7.90 -7.16
N TYR B 257 15.89 -7.60 -6.80
CA TYR B 257 14.90 -7.19 -7.80
C TYR B 257 15.35 -5.89 -8.47
N VAL B 258 15.81 -4.94 -7.68
CA VAL B 258 16.27 -3.68 -8.25
C VAL B 258 17.48 -3.92 -9.16
N ARG B 259 18.40 -4.76 -8.71
CA ARG B 259 19.59 -5.09 -9.52
C ARG B 259 19.19 -5.74 -10.85
N GLU B 260 18.19 -6.62 -10.82
CA GLU B 260 17.73 -7.36 -12.01
C GLU B 260 16.83 -6.54 -12.92
N HIS B 261 15.96 -5.73 -12.32
CA HIS B 261 14.90 -5.09 -13.07
C HIS B 261 15.17 -3.62 -13.37
N ASN B 262 16.05 -2.99 -12.59
CA ASN B 262 16.33 -1.57 -12.75
C ASN B 262 17.79 -1.27 -13.05
N ALA B 263 18.43 -2.13 -13.83
CA ALA B 263 19.83 -1.93 -14.17
C ALA B 263 20.02 -0.62 -14.91
N LYS B 264 19.04 -0.28 -15.74
CA LYS B 264 19.08 0.96 -16.50
C LYS B 264 19.12 2.17 -15.56
N GLU B 265 18.26 2.17 -14.55
CA GLU B 265 18.19 3.26 -13.59
C GLU B 265 19.45 3.35 -12.73
N LEU B 266 19.97 2.19 -12.30
CA LEU B 266 21.23 2.13 -11.57
C LEU B 266 22.35 2.76 -12.42
N ASP B 267 22.39 2.40 -13.70
CA ASP B 267 23.37 2.93 -14.64
C ASP B 267 23.23 4.44 -14.75
N ILE B 268 22.00 4.93 -14.87
CA ILE B 268 21.74 6.36 -14.93
C ILE B 268 22.26 7.07 -13.68
N LEU B 269 22.15 6.41 -12.54
CA LEU B 269 22.61 6.96 -11.26
C LEU B 269 24.11 6.71 -11.04
N ASN B 270 24.77 6.12 -12.03
CA ASN B 270 26.20 5.82 -11.93
C ASN B 270 26.48 5.05 -10.66
N PHE B 271 25.63 4.06 -10.38
CA PHE B 271 25.67 3.39 -9.10
C PHE B 271 25.75 1.88 -9.25
N GLU B 272 26.64 1.26 -8.47
CA GLU B 272 26.78 -0.19 -8.48
C GLU B 272 26.18 -0.75 -7.20
N LEU B 273 25.01 -1.37 -7.33
CA LEU B 273 24.31 -1.93 -6.19
C LEU B 273 24.77 -3.36 -5.97
N GLU B 274 25.35 -3.62 -4.80
CA GLU B 274 26.01 -4.89 -4.50
C GLU B 274 25.05 -6.06 -4.37
N GLU B 275 25.49 -7.23 -4.80
CA GLU B 275 24.77 -8.47 -4.56
C GLU B 275 24.79 -8.75 -3.06
N PRO B 276 23.62 -8.95 -2.46
CA PRO B 276 23.56 -9.23 -1.02
C PRO B 276 24.24 -10.55 -0.70
N LYS B 277 24.90 -10.60 0.45
CA LYS B 277 25.55 -11.82 0.87
C LYS B 277 24.92 -12.26 2.16
N LEU B 278 24.10 -13.30 2.09
CA LEU B 278 23.29 -13.65 3.24
C LEU B 278 24.08 -14.23 4.40
N PRO B 279 23.37 -14.89 5.33
CA PRO B 279 23.44 -14.34 6.67
C PRO B 279 24.22 -13.03 6.67
N PHE B 280 23.55 -11.89 6.86
CA PHE B 280 24.28 -10.66 7.18
C PHE B 280 24.99 -10.92 8.51
N PRO B 281 26.08 -10.19 8.77
CA PRO B 281 26.71 -10.34 10.09
C PRO B 281 25.77 -9.94 11.22
N ARG B 282 25.89 -10.61 12.36
CA ARG B 282 25.20 -10.22 13.58
C ARG B 282 26.25 -9.70 14.56
N VAL B 283 26.01 -8.51 15.10
CA VAL B 283 26.90 -7.90 16.07
C VAL B 283 26.14 -7.63 17.35
N SER B 284 26.52 -8.29 18.44
CA SER B 284 25.84 -8.06 19.69
C SER B 284 26.06 -6.62 20.10
N TYR B 285 25.13 -6.09 20.88
CA TYR B 285 25.25 -4.76 21.45
C TYR B 285 26.54 -4.64 22.27
N ASP B 286 26.88 -5.69 23.00
CA ASP B 286 28.11 -5.68 23.80
C ASP B 286 29.32 -5.40 22.91
N LYS B 287 29.40 -6.18 21.82
CA LYS B 287 30.49 -6.05 20.87
C LYS B 287 30.50 -4.68 20.19
N ALA B 288 29.31 -4.17 19.86
CA ALA B 288 29.22 -2.85 19.23
C ALA B 288 29.78 -1.77 20.15
N LEU B 289 29.46 -1.83 21.43
CA LEU B 289 29.97 -0.83 22.38
C LEU B 289 31.49 -0.94 22.53
N GLU B 290 32.00 -2.17 22.48
CA GLU B 290 33.44 -2.39 22.57
C GLU B 290 34.12 -1.77 21.37
N ILE B 291 33.59 -2.03 20.17
CA ILE B 291 34.12 -1.44 18.95
C ILE B 291 34.10 0.10 19.00
N LEU B 292 32.95 0.65 19.38
CA LEU B 292 32.82 2.10 19.51
C LEU B 292 33.80 2.67 20.55
N GLY B 293 33.96 1.97 21.66
CA GLY B 293 34.87 2.41 22.70
C GLY B 293 36.28 2.58 22.19
N ASP B 294 36.75 1.58 21.45
CA ASP B 294 38.08 1.62 20.88
C ASP B 294 38.24 2.72 19.83
N LEU B 295 37.12 3.23 19.31
CA LEU B 295 37.16 4.34 18.35
C LEU B 295 37.02 5.68 19.08
N GLY B 296 36.97 5.61 20.40
CA GLY B 296 36.85 6.80 21.22
C GLY B 296 35.41 7.29 21.35
N LYS B 297 34.46 6.49 20.89
CA LYS B 297 33.05 6.84 21.02
C LYS B 297 32.46 6.19 22.25
N GLU B 298 31.98 7.02 23.18
CA GLU B 298 31.39 6.53 24.41
C GLU B 298 29.88 6.36 24.32
N ILE B 299 29.43 5.17 24.67
CA ILE B 299 28.02 4.88 24.93
C ILE B 299 28.04 4.03 26.18
N PRO B 300 27.43 4.52 27.27
CA PRO B 300 27.37 3.78 28.52
C PRO B 300 26.49 2.55 28.32
N TRP B 301 26.88 1.40 28.87
CA TRP B 301 26.10 0.18 28.71
C TRP B 301 24.70 0.40 29.27
N GLY B 302 23.69 0.17 28.45
CA GLY B 302 22.30 0.33 28.85
C GLY B 302 21.60 1.37 28.01
N GLU B 303 22.39 2.22 27.38
CA GLU B 303 21.86 3.30 26.56
C GLU B 303 21.84 2.89 25.09
N ASP B 304 20.90 3.42 24.32
CA ASP B 304 20.85 3.13 22.90
C ASP B 304 22.06 3.74 22.19
N ILE B 305 22.46 3.14 21.08
CA ILE B 305 23.56 3.63 20.27
C ILE B 305 23.02 4.80 19.47
N ASP B 306 23.77 5.90 19.46
CA ASP B 306 23.29 7.12 18.80
C ASP B 306 23.70 7.17 17.32
N THR B 307 23.34 8.26 16.66
CA THR B 307 23.56 8.38 15.22
C THR B 307 25.03 8.35 14.87
N GLU B 308 25.86 9.02 15.68
CA GLU B 308 27.29 8.98 15.47
C GLU B 308 27.82 7.55 15.59
N GLY B 309 27.33 6.82 16.59
CA GLY B 309 27.76 5.45 16.82
C GLY B 309 27.41 4.56 15.64
N GLU B 310 26.19 4.72 15.13
CA GLU B 310 25.80 3.93 13.97
C GLU B 310 26.73 4.19 12.81
N ARG B 311 27.01 5.47 12.54
CA ARG B 311 27.88 5.86 11.46
C ARG B 311 29.25 5.19 11.59
N LEU B 312 29.83 5.25 12.79
CA LEU B 312 31.15 4.66 13.03
C LEU B 312 31.13 3.14 12.82
N LEU B 313 30.08 2.49 13.31
CA LEU B 313 29.94 1.04 13.18
C LEU B 313 29.73 0.63 11.74
N GLY B 314 28.92 1.40 11.00
CA GLY B 314 28.72 1.13 9.58
C GLY B 314 30.05 1.13 8.86
N LYS B 315 30.88 2.14 9.14
CA LYS B 315 32.20 2.25 8.53
C LYS B 315 33.06 1.04 8.92
N TYR B 316 33.00 0.68 10.20
CA TYR B 316 33.79 -0.43 10.71
C TYR B 316 33.40 -1.75 10.04
N MET B 317 32.10 -1.98 9.86
CA MET B 317 31.64 -3.22 9.27
C MET B 317 31.98 -3.31 7.78
N MET B 318 32.03 -2.17 7.10
CA MET B 318 32.44 -2.13 5.70
C MET B 318 33.96 -2.42 5.61
N GLU B 319 34.74 -1.73 6.44
CA GLU B 319 36.19 -1.91 6.41
C GLU B 319 36.62 -3.33 6.78
N ASN B 320 35.96 -3.89 7.78
CA ASN B 320 36.40 -5.16 8.36
C ASN B 320 35.67 -6.39 7.84
N GLU B 321 34.47 -6.21 7.30
CA GLU B 321 33.67 -7.33 6.85
C GLU B 321 33.10 -7.14 5.44
N ASN B 322 33.36 -5.99 4.83
CA ASN B 322 32.80 -5.68 3.53
C ASN B 322 31.28 -5.91 3.55
N ALA B 323 30.66 -5.47 4.65
CA ALA B 323 29.24 -5.69 4.88
C ALA B 323 28.46 -4.37 4.91
N PRO B 324 27.70 -4.08 3.83
CA PRO B 324 26.87 -2.87 3.81
C PRO B 324 25.70 -3.03 4.76
N LEU B 325 25.30 -4.27 5.01
CA LEU B 325 24.16 -4.59 5.86
C LEU B 325 24.53 -5.49 7.01
N TYR B 326 24.12 -5.16 8.22
CA TYR B 326 24.42 -6.00 9.38
C TYR B 326 23.39 -5.73 10.48
N PHE B 327 23.24 -6.69 11.39
CA PHE B 327 22.30 -6.60 12.49
C PHE B 327 23.01 -6.21 13.79
N LEU B 328 22.42 -5.29 14.53
CA LEU B 328 22.73 -5.10 15.93
C LEU B 328 21.69 -5.88 16.72
N TYR B 329 22.09 -6.66 17.72
CA TYR B 329 21.07 -7.35 18.49
C TYR B 329 21.51 -7.66 19.90
N GLN B 330 20.67 -8.37 20.64
CA GLN B 330 20.87 -8.59 22.08
C GLN B 330 21.11 -7.28 22.84
N TYR B 331 20.20 -6.34 22.61
CA TYR B 331 20.21 -5.04 23.29
C TYR B 331 19.90 -5.21 24.75
N PRO B 332 20.32 -4.24 25.57
CA PRO B 332 19.89 -4.19 26.96
C PRO B 332 18.37 -4.06 26.98
N SER B 333 17.71 -4.81 27.85
CA SER B 333 16.26 -4.73 27.94
C SER B 333 15.82 -3.32 28.27
N GLU B 334 16.64 -2.58 29.02
CA GLU B 334 16.29 -1.24 29.44
C GLU B 334 16.28 -0.26 28.27
N ALA B 335 16.92 -0.63 27.16
CA ALA B 335 17.03 0.27 26.01
C ALA B 335 15.91 0.05 24.99
N LYS B 336 15.13 -0.99 25.19
CA LYS B 336 14.09 -1.36 24.21
C LYS B 336 12.69 -1.38 24.83
N PRO B 337 11.64 -1.40 24.00
CA PRO B 337 10.27 -1.25 24.50
C PRO B 337 9.78 -2.36 25.43
N PHE B 338 8.76 -2.05 26.21
CA PHE B 338 8.17 -3.01 27.14
C PHE B 338 7.60 -4.26 26.46
N TYR B 339 7.31 -4.18 25.16
CA TYR B 339 6.73 -5.32 24.45
C TYR B 339 7.75 -6.29 23.89
N ILE B 340 9.04 -6.02 24.08
CA ILE B 340 10.06 -6.96 23.66
C ILE B 340 10.27 -8.04 24.73
N MET B 341 10.45 -9.28 24.31
CA MET B 341 10.72 -10.36 25.25
C MET B 341 12.18 -10.33 25.71
N LYS B 342 12.42 -10.48 27.01
CA LYS B 342 13.78 -10.60 27.53
C LYS B 342 14.32 -12.01 27.30
N TYR B 343 15.65 -12.16 27.31
CA TYR B 343 16.22 -13.51 27.43
C TYR B 343 15.87 -14.02 28.81
N ASP B 344 14.99 -15.02 28.87
CA ASP B 344 14.53 -15.56 30.16
C ASP B 344 15.76 -15.90 31.02
N ASN B 345 16.80 -16.41 30.38
CA ASN B 345 18.02 -16.82 31.08
C ASN B 345 19.03 -15.72 31.37
N LYS B 346 18.84 -14.55 30.76
CA LYS B 346 19.74 -13.42 31.00
C LYS B 346 18.96 -12.14 30.76
N PRO B 347 18.06 -11.82 31.70
CA PRO B 347 17.01 -10.83 31.47
C PRO B 347 17.51 -9.40 31.28
N GLU B 348 18.79 -9.15 31.54
CA GLU B 348 19.31 -7.80 31.33
C GLU B 348 19.44 -7.49 29.83
N ILE B 349 19.38 -8.52 29.00
CA ILE B 349 19.33 -8.31 27.55
C ILE B 349 18.04 -8.87 26.95
N CYS B 350 17.70 -8.38 25.77
CA CYS B 350 16.39 -8.70 25.22
C CYS B 350 16.50 -9.12 23.76
N ARG B 351 15.40 -9.64 23.24
CA ARG B 351 15.34 -10.22 21.91
C ARG B 351 14.93 -9.20 20.86
N ALA B 352 15.56 -8.02 20.90
CA ALA B 352 15.33 -6.98 19.92
C ALA B 352 16.54 -6.86 18.98
N PHE B 353 16.32 -6.28 17.81
CA PHE B 353 17.40 -6.10 16.84
C PHE B 353 17.15 -4.85 15.99
N ASP B 354 18.22 -4.33 15.40
CA ASP B 354 18.13 -3.27 14.41
C ASP B 354 18.90 -3.72 13.20
N LEU B 355 18.36 -3.44 12.02
CA LEU B 355 19.07 -3.73 10.77
C LEU B 355 19.67 -2.42 10.27
N GLU B 356 20.98 -2.42 10.05
CA GLU B 356 21.73 -1.22 9.64
C GLU B 356 22.19 -1.35 8.20
N TYR B 357 21.95 -0.31 7.39
CA TYR B 357 22.33 -0.31 5.99
C TYR B 357 23.20 0.92 5.73
N ARG B 358 24.46 0.69 5.40
CA ARG B 358 25.43 1.78 5.25
C ARG B 358 25.37 2.73 6.44
N GLY B 359 25.33 2.17 7.64
CA GLY B 359 25.48 2.94 8.85
C GLY B 359 24.24 3.66 9.36
N VAL B 360 23.09 3.36 8.74
CA VAL B 360 21.84 3.98 9.16
C VAL B 360 20.81 2.89 9.42
N GLU B 361 20.10 3.00 10.53
CA GLU B 361 19.05 2.04 10.83
C GLU B 361 17.96 2.05 9.77
N ILE B 362 17.64 0.89 9.21
CA ILE B 362 16.49 0.80 8.31
C ILE B 362 15.32 0.05 8.91
N SER B 363 15.57 -0.72 9.96
CA SER B 363 14.51 -1.50 10.59
C SER B 363 14.85 -1.80 12.04
N SER B 364 13.82 -1.83 12.89
CA SER B 364 13.94 -2.39 14.21
C SER B 364 12.83 -3.44 14.35
N GLY B 365 13.10 -4.44 15.18
CA GLY B 365 12.14 -5.51 15.41
C GLY B 365 12.58 -6.36 16.60
N GLY B 366 11.88 -7.47 16.82
CA GLY B 366 12.24 -8.37 17.89
C GLY B 366 11.14 -9.36 18.14
N GLN B 367 11.41 -10.34 18.99
CA GLN B 367 10.34 -11.19 19.50
C GLN B 367 9.60 -10.47 20.62
N ARG B 368 8.28 -10.55 20.62
CA ARG B 368 7.51 -9.82 21.60
C ARG B 368 7.30 -10.65 22.87
N GLU B 369 6.94 -9.98 23.95
CA GLU B 369 6.53 -10.69 25.15
C GLU B 369 5.06 -11.05 25.05
N HIS B 370 4.76 -12.32 24.75
CA HIS B 370 3.36 -12.72 24.53
C HIS B 370 2.65 -13.20 25.81
N ARG B 371 3.39 -13.33 26.89
CA ARG B 371 2.82 -13.82 28.13
C ARG B 371 2.31 -12.65 28.96
N HIS B 372 1.00 -12.61 29.13
CA HIS B 372 0.31 -11.43 29.62
C HIS B 372 0.92 -10.88 30.89
N ASP B 373 1.08 -11.72 31.91
CA ASP B 373 1.51 -11.20 33.21
C ASP B 373 2.92 -10.62 33.19
N ILE B 374 3.81 -11.25 32.43
CA ILE B 374 5.15 -10.73 32.26
C ILE B 374 5.13 -9.40 31.49
N LEU B 375 4.31 -9.34 30.45
CA LEU B 375 4.12 -8.12 29.67
C LEU B 375 3.67 -6.99 30.59
N VAL B 376 2.67 -7.26 31.42
CA VAL B 376 2.15 -6.27 32.38
C VAL B 376 3.27 -5.74 33.28
N GLU B 377 4.07 -6.65 33.82
CA GLU B 377 5.18 -6.25 34.68
C GLU B 377 6.19 -5.38 33.93
N GLN B 378 6.39 -5.66 32.64
CA GLN B 378 7.35 -4.89 31.86
C GLN B 378 6.86 -3.45 31.60
N ILE B 379 5.56 -3.30 31.41
CA ILE B 379 4.98 -1.97 31.32
C ILE B 379 5.23 -1.23 32.64
N LYS B 380 5.05 -1.92 33.76
CA LYS B 380 5.33 -1.31 35.08
C LYS B 380 6.80 -0.92 35.23
N GLU B 381 7.70 -1.79 34.76
CA GLU B 381 9.13 -1.52 34.82
C GLU B 381 9.51 -0.29 34.00
N LYS B 382 8.72 0.01 32.98
CA LYS B 382 8.94 1.21 32.19
C LYS B 382 8.36 2.46 32.86
N GLY B 383 7.74 2.27 34.02
CA GLY B 383 7.19 3.39 34.78
C GLY B 383 5.86 3.84 34.21
N LEU B 384 5.20 2.92 33.50
CA LEU B 384 3.96 3.21 32.79
C LEU B 384 2.77 2.50 33.44
N ASN B 385 1.58 2.97 33.10
CA ASN B 385 0.32 2.45 33.66
C ASN B 385 -0.29 1.36 32.77
N PRO B 386 -0.28 0.09 33.22
CA PRO B 386 -0.82 -0.98 32.37
C PRO B 386 -2.27 -0.75 31.96
N GLU B 387 -3.04 -0.10 32.84
CA GLU B 387 -4.45 0.18 32.56
C GLU B 387 -4.66 0.95 31.26
N SER B 388 -3.69 1.80 30.93
CA SER B 388 -3.71 2.59 29.71
C SER B 388 -3.57 1.75 28.44
N PHE B 389 -3.10 0.52 28.58
CA PHE B 389 -2.93 -0.39 27.44
C PHE B 389 -3.92 -1.55 27.45
N GLU B 390 -5.02 -1.38 28.19
CA GLU B 390 -6.01 -2.44 28.38
C GLU B 390 -6.51 -3.06 27.08
N PHE B 391 -6.85 -2.22 26.10
CA PHE B 391 -7.45 -2.74 24.88
C PHE B 391 -6.50 -3.70 24.18
N TYR B 392 -5.21 -3.45 24.34
CA TYR B 392 -4.16 -4.27 23.75
C TYR B 392 -3.85 -5.49 24.61
N LEU B 393 -3.76 -5.29 25.92
CA LEU B 393 -3.45 -6.37 26.83
C LEU B 393 -4.53 -7.45 26.75
N LYS B 394 -5.75 -7.02 26.47
CA LYS B 394 -6.86 -7.95 26.42
C LYS B 394 -6.64 -9.08 25.40
N ALA B 395 -5.99 -8.76 24.28
CA ALA B 395 -5.72 -9.75 23.23
C ALA B 395 -4.72 -10.83 23.64
N PHE B 396 -4.06 -10.63 24.77
CA PHE B 396 -3.06 -11.58 25.24
C PHE B 396 -3.68 -12.59 26.21
N ARG B 397 -4.97 -12.46 26.50
CA ARG B 397 -5.62 -13.30 27.52
C ARG B 397 -6.38 -14.51 26.99
N TYR B 398 -6.58 -14.60 25.68
CA TYR B 398 -7.50 -15.59 25.14
C TYR B 398 -6.85 -16.51 24.10
N GLY B 399 -5.60 -16.87 24.37
CA GLY B 399 -4.84 -17.71 23.45
C GLY B 399 -4.04 -16.83 22.52
N MET B 400 -2.84 -16.44 22.95
CA MET B 400 -1.94 -15.61 22.14
C MET B 400 -0.64 -16.36 21.92
N PRO B 401 -0.33 -16.68 20.65
CA PRO B 401 0.90 -17.43 20.36
C PRO B 401 2.15 -16.57 20.51
N PRO B 402 3.33 -17.21 20.63
CA PRO B 402 4.55 -16.42 20.57
C PRO B 402 4.61 -15.71 19.23
N HIS B 403 5.17 -14.51 19.19
CA HIS B 403 5.27 -13.76 17.94
C HIS B 403 6.38 -12.74 17.96
N GLY B 404 6.71 -12.21 16.78
CA GLY B 404 7.75 -11.21 16.66
C GLY B 404 7.55 -10.50 15.33
N GLY B 405 8.25 -9.39 15.12
CA GLY B 405 8.04 -8.68 13.87
C GLY B 405 9.04 -7.57 13.70
N PHE B 406 8.77 -6.68 12.76
CA PHE B 406 9.68 -5.56 12.54
C PHE B 406 8.94 -4.42 11.89
N GLY B 407 9.55 -3.25 11.93
CA GLY B 407 9.09 -2.13 11.12
C GLY B 407 10.28 -1.71 10.28
N LEU B 408 10.07 -1.67 8.96
CA LEU B 408 11.12 -1.39 7.98
C LEU B 408 10.73 -0.11 7.27
N GLY B 409 11.54 0.93 7.38
CA GLY B 409 11.21 2.20 6.77
C GLY B 409 11.46 2.13 5.27
N ALA B 410 10.42 2.37 4.47
CA ALA B 410 10.58 2.33 3.03
C ALA B 410 11.54 3.43 2.55
N GLU B 411 11.41 4.64 3.08
CA GLU B 411 12.34 5.69 2.66
C GLU B 411 13.76 5.39 3.11
N ARG B 412 13.91 4.96 4.35
CA ARG B 412 15.23 4.55 4.82
C ARG B 412 15.83 3.46 3.95
N LEU B 413 15.03 2.46 3.59
CA LEU B 413 15.53 1.35 2.77
C LEU B 413 16.04 1.88 1.44
N ILE B 414 15.25 2.73 0.79
CA ILE B 414 15.62 3.21 -0.54
C ILE B 414 16.79 4.21 -0.47
N LYS B 415 16.75 5.13 0.48
CA LYS B 415 17.83 6.10 0.63
C LYS B 415 19.15 5.37 0.84
N GLN B 416 19.16 4.41 1.76
CA GLN B 416 20.40 3.70 2.08
C GLN B 416 20.83 2.81 0.92
N MET B 417 19.88 2.09 0.32
CA MET B 417 20.19 1.23 -0.82
C MET B 417 20.96 2.01 -1.88
N LEU B 418 20.50 3.21 -2.19
CA LEU B 418 21.12 4.00 -3.25
C LEU B 418 22.21 4.94 -2.75
N ASP B 419 22.56 4.82 -1.48
CA ASP B 419 23.58 5.65 -0.85
C ASP B 419 23.33 7.15 -1.09
N LEU B 420 22.08 7.57 -0.94
CA LEU B 420 21.73 8.97 -1.15
C LEU B 420 21.92 9.71 0.15
N PRO B 421 22.35 10.98 0.06
CA PRO B 421 22.68 11.77 1.24
C PRO B 421 21.45 12.21 2.04
N ASN B 422 20.32 12.41 1.38
CA ASN B 422 19.15 12.97 2.05
C ASN B 422 17.87 12.18 1.75
N ILE B 423 17.13 11.87 2.79
CA ILE B 423 15.90 11.07 2.69
C ILE B 423 14.85 11.80 1.84
N ARG B 424 14.98 13.11 1.70
CA ARG B 424 14.05 13.90 0.89
C ARG B 424 14.15 13.53 -0.59
N GLU B 425 15.23 12.86 -0.95
CA GLU B 425 15.38 12.43 -2.33
C GLU B 425 14.50 11.23 -2.72
N VAL B 426 13.97 10.50 -1.74
CA VAL B 426 13.26 9.25 -2.05
C VAL B 426 11.76 9.27 -1.77
N ILE B 427 11.21 10.45 -1.50
CA ILE B 427 9.77 10.60 -1.34
C ILE B 427 9.35 11.86 -2.09
N LEU B 428 8.22 11.81 -2.78
CA LEU B 428 7.88 12.90 -3.72
C LEU B 428 7.71 14.24 -3.04
N PHE B 429 6.93 14.26 -1.97
CA PHE B 429 6.59 15.51 -1.30
C PHE B 429 6.88 15.41 0.19
N PRO B 430 8.14 15.69 0.58
CA PRO B 430 8.56 15.55 1.97
C PRO B 430 7.78 16.44 2.92
N ARG B 431 7.65 15.96 4.15
CA ARG B 431 7.12 16.73 5.25
C ARG B 431 8.18 16.82 6.33
N ASP B 432 8.56 18.04 6.70
CA ASP B 432 9.50 18.18 7.81
C ASP B 432 9.16 19.40 8.64
N ARG B 433 10.07 19.82 9.51
CA ARG B 433 9.76 20.84 10.51
C ARG B 433 9.13 22.08 9.89
N ARG B 434 9.62 22.49 8.73
CA ARG B 434 9.08 23.68 8.07
C ARG B 434 8.42 23.40 6.71
N ARG B 435 8.50 22.17 6.21
CA ARG B 435 7.91 21.87 4.92
C ARG B 435 6.53 21.23 5.02
N LEU B 436 5.51 21.98 4.60
CA LEU B 436 4.12 21.49 4.56
C LEU B 436 3.56 21.53 3.13
N THR B 437 4.28 22.20 2.24
CA THR B 437 3.87 22.33 0.84
C THR B 437 5.04 22.05 -0.09
N PRO B 438 4.75 21.52 -1.30
CA PRO B 438 3.46 21.15 -1.89
C PRO B 438 2.78 20.03 -1.11
#